data_1CXI
#
_entry.id   1CXI
#
_cell.length_a   117.950
_cell.length_b   109.800
_cell.length_c   65.650
_cell.angle_alpha   90.00
_cell.angle_beta   90.00
_cell.angle_gamma   90.00
#
_symmetry.space_group_name_H-M   'P 21 21 21'
#
loop_
_entity.id
_entity.type
_entity.pdbx_description
1 polymer 'CYCLODEXTRIN GLYCOSYLTRANSFERASE'
2 branched alpha-D-glucopyranose-(1-4)-alpha-D-glucopyranose
3 non-polymer 'CALCIUM ION'
4 water water
#
_entity_poly.entity_id   1
_entity_poly.type   'polypeptide(L)'
_entity_poly.pdbx_seq_one_letter_code
;APDTSVSNKQNFSTDVIYQIFTDRFSDGNPANNPTGAAFDGTCTNLRLYCGGDWQGIINKINDGYLTGMGVTAIWISQPV
ENIYSIINYSGVNNTAYHGYWARDFKKTNPAYGTIADFQNLIAAAHAKNIKVIIDFAPNHTSPASSDQPSFAENGRLYDN
GTLLGGYTNDTQNLFHHNGGTDFSTTENGIYKNLYDLADLNHNNSTVDVYLKDAIKMWLDLGIDGIRMDAVKHMPFGWQK
SFMAAVNNYKPVFTFGEWFLGVNEVSPENHKFANESGMSLLDFRFAQKVRQVFRDNTDNMYGLKAMLEGSAADYAQVDDQ
VTFIDNHDMERFHASNANRRKLEQALAFTLTSRGVPAIYYGTEQYMSGGTDPDNRARIPSFSTSTTAYQVIQKLAPLRKC
NPAIAYGSTQERWINNDVLIYERKFGSNVAVVAVNRNLNAPASISGLVTSLPQGSYNDVLGGLLNGNTLSVGSGGAASNF
TLAAGGTAVWQYTAATATPTIGHVGPMMAKPGVTITIDGRGFGSSKGTVYFGTTAVSGADITSWEDTQIKVKIPAVAGGN
YNIKVANAAGTASNVYDNFEVLSGDQVSVRFVVNNATTALGQNVYLTGSVSELGNWDPAKAIGPMYNQVVYQYPNWYYDV
SVPAGKTIEFKFLKKQGSTVTWEGGSNHTFTAPSSGTATINVNWQP
;
_entity_poly.pdbx_strand_id   A
#
loop_
_chem_comp.id
_chem_comp.type
_chem_comp.name
_chem_comp.formula
CA non-polymer 'CALCIUM ION' 'Ca 2'
GLC D-saccharide, alpha linking alpha-D-glucopyranose 'C6 H12 O6'
#
# COMPACT_ATOMS: atom_id res chain seq x y z
N ALA A 1 -17.93 13.70 -9.91
CA ALA A 1 -17.05 12.94 -10.80
C ALA A 1 -17.27 11.46 -10.54
N PRO A 2 -16.99 10.62 -11.53
CA PRO A 2 -17.19 9.18 -11.35
C PRO A 2 -16.07 8.53 -10.57
N ASP A 3 -16.37 7.40 -9.92
CA ASP A 3 -15.38 6.71 -9.11
C ASP A 3 -14.08 6.49 -9.87
N THR A 4 -14.22 6.33 -11.18
CA THR A 4 -13.10 6.02 -12.09
C THR A 4 -12.28 7.24 -12.52
N SER A 5 -12.68 8.42 -12.06
CA SER A 5 -11.97 9.65 -12.40
C SER A 5 -10.49 9.74 -11.89
N VAL A 6 -9.61 10.35 -12.69
CA VAL A 6 -8.22 10.54 -12.30
C VAL A 6 -8.16 11.39 -11.01
N SER A 7 -9.23 12.12 -10.76
CA SER A 7 -9.32 13.01 -9.61
C SER A 7 -9.57 12.31 -8.29
N ASN A 8 -9.89 11.02 -8.36
CA ASN A 8 -10.19 10.23 -7.17
C ASN A 8 -8.92 9.73 -6.45
N LYS A 9 -8.38 10.54 -5.55
CA LYS A 9 -7.17 10.21 -4.76
C LYS A 9 -7.36 9.16 -3.66
N GLN A 10 -8.60 8.81 -3.36
CA GLN A 10 -8.90 7.86 -2.28
C GLN A 10 -9.11 6.41 -2.67
N ASN A 11 -9.22 6.14 -3.96
CA ASN A 11 -9.54 4.82 -4.46
C ASN A 11 -8.67 4.55 -5.69
N PHE A 12 -7.86 3.48 -5.63
CA PHE A 12 -7.00 3.08 -6.74
C PHE A 12 -7.37 1.67 -7.21
N SER A 13 -8.49 1.16 -6.72
CA SER A 13 -8.92 -0.19 -7.10
C SER A 13 -9.35 -0.32 -8.57
N THR A 14 -9.69 0.79 -9.22
CA THR A 14 -10.06 0.79 -10.65
C THR A 14 -8.83 1.10 -11.52
N ASP A 15 -7.69 1.30 -10.89
CA ASP A 15 -6.47 1.64 -11.63
C ASP A 15 -5.47 0.50 -11.71
N VAL A 16 -4.48 0.71 -12.57
CA VAL A 16 -3.37 -0.23 -12.72
C VAL A 16 -2.12 0.65 -12.55
N ILE A 17 -1.32 0.35 -11.54
CA ILE A 17 -0.11 1.11 -11.22
C ILE A 17 1.10 0.53 -11.95
N TYR A 18 1.97 1.40 -12.41
CA TYR A 18 3.22 1.03 -13.10
C TYR A 18 4.34 1.62 -12.18
N GLN A 19 5.13 0.74 -11.55
CA GLN A 19 6.20 1.17 -10.62
C GLN A 19 7.45 1.49 -11.40
N ILE A 20 7.93 2.72 -11.26
CA ILE A 20 9.07 3.13 -12.03
C ILE A 20 10.29 3.45 -11.18
N PHE A 21 11.45 2.89 -11.51
CA PHE A 21 12.68 3.28 -10.82
C PHE A 21 13.07 4.45 -11.75
N THR A 22 12.80 5.68 -11.30
CA THR A 22 13.03 6.88 -12.10
C THR A 22 14.32 6.94 -12.88
N ASP A 23 15.41 6.55 -12.23
CA ASP A 23 16.73 6.60 -12.84
C ASP A 23 16.91 5.67 -14.03
N ARG A 24 16.16 4.56 -14.01
CA ARG A 24 16.25 3.52 -15.02
C ARG A 24 15.18 3.50 -16.10
N PHE A 25 14.31 4.49 -16.11
CA PHE A 25 13.21 4.54 -17.07
C PHE A 25 13.56 5.34 -18.32
N SER A 26 13.65 6.65 -18.17
CA SER A 26 13.96 7.52 -19.31
C SER A 26 14.65 8.85 -18.94
N ASP A 27 15.85 9.06 -19.47
CA ASP A 27 16.62 10.29 -19.24
C ASP A 27 16.09 11.31 -20.25
N GLY A 28 15.09 12.09 -19.86
CA GLY A 28 14.51 13.09 -20.76
C GLY A 28 15.28 14.41 -20.72
N ASN A 29 16.17 14.56 -19.76
CA ASN A 29 16.96 15.79 -19.66
C ASN A 29 18.37 15.47 -19.24
N PRO A 30 19.26 15.27 -20.20
CA PRO A 30 20.65 14.94 -19.92
C PRO A 30 21.35 16.00 -19.07
N ALA A 31 20.91 17.26 -19.17
CA ALA A 31 21.57 18.30 -18.41
C ALA A 31 21.60 18.13 -16.89
N ASN A 32 20.60 17.44 -16.31
CA ASN A 32 20.56 17.22 -14.86
C ASN A 32 21.26 15.94 -14.43
N ASN A 33 21.94 15.27 -15.36
CA ASN A 33 22.61 14.00 -15.06
C ASN A 33 23.78 14.21 -14.12
N PRO A 34 23.93 13.30 -13.16
CA PRO A 34 25.07 13.37 -12.23
C PRO A 34 26.34 13.16 -13.07
N THR A 35 27.48 13.58 -12.54
CA THR A 35 28.73 13.51 -13.29
C THR A 35 29.80 12.67 -12.63
N GLY A 36 30.87 12.42 -13.38
CA GLY A 36 32.01 11.67 -12.87
C GLY A 36 31.73 10.25 -12.42
N ALA A 37 32.32 9.90 -11.28
CA ALA A 37 32.20 8.60 -10.64
C ALA A 37 30.78 8.17 -10.22
N ALA A 38 29.85 9.12 -10.18
CA ALA A 38 28.48 8.81 -9.79
C ALA A 38 27.61 8.45 -10.99
N PHE A 39 28.14 8.60 -12.19
CA PHE A 39 27.33 8.41 -13.39
C PHE A 39 27.80 7.34 -14.37
N ASP A 40 26.85 6.65 -15.02
CA ASP A 40 27.17 5.68 -16.07
C ASP A 40 26.06 5.77 -17.11
N GLY A 41 26.24 6.63 -18.09
CA GLY A 41 25.24 6.85 -19.14
C GLY A 41 24.80 5.58 -19.86
N THR A 42 25.68 4.57 -19.92
CA THR A 42 25.36 3.31 -20.60
C THR A 42 24.56 2.44 -19.64
N CYS A 43 24.56 2.80 -18.38
CA CYS A 43 23.85 2.05 -17.36
C CYS A 43 24.30 0.61 -17.34
N THR A 44 25.61 0.40 -17.41
CA THR A 44 26.17 -0.94 -17.31
C THR A 44 26.37 -1.22 -15.82
N ASN A 45 26.86 -0.21 -15.10
CA ASN A 45 27.06 -0.36 -13.69
C ASN A 45 25.75 0.07 -13.05
N LEU A 46 24.98 -0.91 -12.58
CA LEU A 46 23.65 -0.69 -12.00
C LEU A 46 23.61 -0.07 -10.60
N ARG A 47 24.75 0.40 -10.11
CA ARG A 47 24.82 1.02 -8.79
C ARG A 47 25.02 2.52 -8.86
N LEU A 48 25.21 3.03 -10.07
CA LEU A 48 25.42 4.46 -10.29
C LEU A 48 24.21 5.04 -11.01
N TYR A 49 24.18 6.35 -11.11
CA TYR A 49 23.08 7.01 -11.80
C TYR A 49 23.24 6.77 -13.29
N CYS A 50 22.13 6.42 -13.93
CA CYS A 50 22.10 6.18 -15.36
C CYS A 50 21.45 7.34 -16.10
N GLY A 51 20.88 8.30 -15.37
CA GLY A 51 20.28 9.50 -15.94
C GLY A 51 18.75 9.60 -16.05
N GLY A 52 18.01 8.56 -15.67
CA GLY A 52 16.54 8.59 -15.75
C GLY A 52 15.90 9.72 -14.92
N ASP A 53 14.99 10.49 -15.51
CA ASP A 53 14.39 11.59 -14.75
C ASP A 53 12.88 11.82 -14.94
N TRP A 54 12.36 12.87 -14.31
CA TRP A 54 10.94 13.23 -14.40
C TRP A 54 10.54 13.67 -15.81
N GLN A 55 11.46 14.33 -16.52
CA GLN A 55 11.17 14.77 -17.88
C GLN A 55 11.04 13.57 -18.79
N GLY A 56 11.78 12.52 -18.48
CA GLY A 56 11.69 11.31 -19.29
C GLY A 56 10.32 10.64 -19.11
N ILE A 57 9.78 10.68 -17.88
CA ILE A 57 8.48 10.08 -17.54
C ILE A 57 7.38 10.87 -18.27
N ILE A 58 7.49 12.20 -18.24
CA ILE A 58 6.58 13.09 -18.93
C ILE A 58 6.59 12.77 -20.41
N ASN A 59 7.77 12.47 -20.94
CA ASN A 59 7.88 12.11 -22.34
C ASN A 59 7.12 10.83 -22.70
N LYS A 60 7.31 9.79 -21.88
CA LYS A 60 6.68 8.48 -22.11
C LYS A 60 5.19 8.51 -21.78
N ILE A 61 4.80 9.49 -20.98
CA ILE A 61 3.40 9.70 -20.72
C ILE A 61 2.76 10.36 -21.95
N ASN A 62 3.50 11.27 -22.59
CA ASN A 62 3.00 11.99 -23.76
C ASN A 62 3.08 11.26 -25.09
N ASP A 63 3.99 10.29 -25.22
CA ASP A 63 4.12 9.54 -26.48
C ASP A 63 3.34 8.23 -26.55
N GLY A 64 2.50 7.98 -25.56
CA GLY A 64 1.59 6.83 -25.55
C GLY A 64 2.03 5.48 -24.99
N TYR A 65 3.28 5.41 -24.54
CA TYR A 65 3.78 4.15 -24.02
C TYR A 65 2.92 3.62 -22.89
N LEU A 66 2.73 4.45 -21.86
CA LEU A 66 1.95 4.09 -20.69
C LEU A 66 0.45 4.06 -20.99
N THR A 67 -0.06 5.13 -21.61
CA THR A 67 -1.48 5.17 -21.93
C THR A 67 -1.90 4.04 -22.86
N GLY A 68 -1.07 3.71 -23.85
CA GLY A 68 -1.44 2.62 -24.77
C GLY A 68 -1.48 1.27 -24.07
N MET A 69 -0.81 1.16 -22.94
CA MET A 69 -0.79 -0.09 -22.21
C MET A 69 -1.99 -0.18 -21.27
N GLY A 70 -2.66 0.95 -21.08
CA GLY A 70 -3.79 1.01 -20.14
C GLY A 70 -3.33 1.28 -18.70
N VAL A 71 -2.10 1.75 -18.52
CA VAL A 71 -1.59 2.09 -17.18
C VAL A 71 -2.27 3.38 -16.74
N THR A 72 -2.79 3.45 -15.52
CA THR A 72 -3.53 4.66 -15.10
C THR A 72 -2.95 5.35 -13.86
N ALA A 73 -1.81 4.84 -13.39
CA ALA A 73 -1.11 5.39 -12.25
C ALA A 73 0.35 4.99 -12.31
N ILE A 74 1.20 5.85 -11.77
CA ILE A 74 2.61 5.58 -11.70
C ILE A 74 3.04 5.76 -10.27
N TRP A 75 3.99 4.95 -9.85
CA TRP A 75 4.53 5.03 -8.51
C TRP A 75 6.02 5.26 -8.80
N ILE A 76 6.55 6.40 -8.37
CA ILE A 76 7.95 6.75 -8.69
C ILE A 76 8.88 6.75 -7.47
N SER A 77 10.19 6.75 -7.70
CA SER A 77 11.19 6.77 -6.60
C SER A 77 10.98 8.01 -5.74
N GLN A 78 11.43 7.92 -4.49
CA GLN A 78 11.32 9.04 -3.56
C GLN A 78 11.85 10.34 -4.22
N PRO A 79 11.04 11.38 -4.24
CA PRO A 79 11.39 12.61 -4.96
C PRO A 79 12.27 13.62 -4.23
N VAL A 80 12.43 13.42 -2.92
CA VAL A 80 13.21 14.32 -2.06
C VAL A 80 14.71 14.24 -2.25
N GLU A 81 15.36 15.34 -1.91
CA GLU A 81 16.81 15.45 -2.02
C GLU A 81 17.54 14.34 -1.27
N ASN A 82 18.45 13.66 -1.99
CA ASN A 82 19.26 12.57 -1.43
C ASN A 82 20.71 13.03 -1.26
N ILE A 83 21.46 12.32 -0.45
CA ILE A 83 22.87 12.63 -0.26
C ILE A 83 23.57 12.54 -1.59
N TYR A 84 24.69 13.23 -1.71
CA TYR A 84 25.45 13.24 -2.96
C TYR A 84 26.68 12.31 -2.97
N SER A 85 26.99 11.75 -1.80
CA SER A 85 28.14 10.85 -1.64
C SER A 85 28.10 9.61 -2.52
N ILE A 86 29.29 9.18 -2.96
CA ILE A 86 29.47 7.94 -3.70
C ILE A 86 30.09 7.08 -2.61
N ILE A 87 29.34 6.12 -2.10
CA ILE A 87 29.81 5.31 -0.99
C ILE A 87 30.51 4.06 -1.50
N ASN A 88 31.72 3.83 -1.03
CA ASN A 88 32.44 2.65 -1.45
C ASN A 88 32.18 1.53 -0.48
N TYR A 89 31.48 0.51 -0.96
CA TYR A 89 31.17 -0.62 -0.11
C TYR A 89 32.08 -1.79 -0.54
N SER A 90 33.20 -1.91 0.19
CA SER A 90 34.19 -2.94 -0.07
C SER A 90 34.55 -3.03 -1.55
N GLY A 91 35.23 -1.99 -2.03
CA GLY A 91 35.69 -1.89 -3.40
C GLY A 91 34.65 -1.48 -4.45
N VAL A 92 33.40 -1.33 -4.05
CA VAL A 92 32.36 -0.98 -5.01
C VAL A 92 31.68 0.36 -4.73
N ASN A 93 31.62 1.20 -5.74
CA ASN A 93 30.95 2.49 -5.64
C ASN A 93 29.40 2.41 -5.69
N ASN A 94 28.76 3.07 -4.74
CA ASN A 94 27.30 3.11 -4.63
C ASN A 94 26.76 4.55 -4.59
N THR A 95 25.73 4.81 -5.39
CA THR A 95 25.11 6.14 -5.44
C THR A 95 23.65 6.10 -4.94
N ALA A 96 23.06 7.28 -4.77
CA ALA A 96 21.69 7.39 -4.30
C ALA A 96 20.67 7.32 -5.44
N TYR A 97 21.01 6.67 -6.55
CA TYR A 97 20.13 6.56 -7.71
C TYR A 97 18.73 6.06 -7.35
N HIS A 98 18.64 5.28 -6.27
CA HIS A 98 17.35 4.69 -5.84
C HIS A 98 16.39 5.63 -5.09
N GLY A 99 16.94 6.75 -4.59
CA GLY A 99 16.17 7.78 -3.86
C GLY A 99 15.87 7.51 -2.39
N TYR A 100 16.39 6.39 -1.86
CA TYR A 100 16.16 5.96 -0.48
C TYR A 100 17.06 6.53 0.62
N TRP A 101 18.01 7.39 0.24
CA TRP A 101 18.94 8.01 1.19
C TRP A 101 18.65 9.50 1.30
N ALA A 102 17.55 9.84 1.96
CA ALA A 102 17.16 11.24 2.05
C ALA A 102 18.11 12.08 2.87
N ARG A 103 18.22 13.34 2.47
CA ARG A 103 19.01 14.33 3.16
C ARG A 103 18.11 15.53 3.48
N ASP A 104 17.09 15.78 2.66
CA ASP A 104 16.15 16.89 2.89
C ASP A 104 14.78 16.55 2.25
N PHE A 105 13.80 16.22 3.07
CA PHE A 105 12.45 15.88 2.59
C PHE A 105 11.62 17.08 2.06
N LYS A 106 12.19 18.28 2.10
CA LYS A 106 11.52 19.49 1.66
C LYS A 106 12.02 20.01 0.32
N LYS A 107 12.95 19.28 -0.28
CA LYS A 107 13.53 19.65 -1.56
C LYS A 107 13.51 18.46 -2.50
N THR A 108 13.77 18.67 -3.79
CA THR A 108 13.83 17.59 -4.79
C THR A 108 15.25 17.05 -5.00
N ASN A 109 15.36 15.85 -5.55
CA ASN A 109 16.65 15.26 -5.88
C ASN A 109 16.90 15.89 -7.25
N PRO A 110 17.89 16.77 -7.37
CA PRO A 110 18.11 17.47 -8.64
C PRO A 110 18.39 16.57 -9.83
N ALA A 111 18.79 15.32 -9.57
CA ALA A 111 19.05 14.36 -10.65
C ALA A 111 17.70 14.07 -11.30
N TYR A 112 16.63 13.93 -10.50
CA TYR A 112 15.29 13.69 -11.07
C TYR A 112 14.71 14.95 -11.73
N GLY A 113 14.87 16.10 -11.07
CA GLY A 113 14.41 17.37 -11.61
C GLY A 113 14.19 18.38 -10.49
N THR A 114 13.70 19.55 -10.86
CA THR A 114 13.40 20.58 -9.89
C THR A 114 11.95 20.48 -9.45
N ILE A 115 11.55 21.41 -8.60
CA ILE A 115 10.17 21.48 -8.13
C ILE A 115 9.28 21.72 -9.34
N ALA A 116 9.76 22.58 -10.25
CA ALA A 116 9.01 22.93 -11.46
C ALA A 116 8.82 21.71 -12.35
N ASP A 117 9.85 20.86 -12.42
CA ASP A 117 9.78 19.61 -13.18
C ASP A 117 8.68 18.73 -12.56
N PHE A 118 8.67 18.67 -11.23
CA PHE A 118 7.68 17.87 -10.51
C PHE A 118 6.26 18.35 -10.82
N GLN A 119 6.07 19.66 -10.81
CA GLN A 119 4.75 20.24 -11.10
C GLN A 119 4.35 19.87 -12.53
N ASN A 120 5.31 19.90 -13.43
CA ASN A 120 5.05 19.55 -14.81
C ASN A 120 4.70 18.06 -14.89
N LEU A 121 5.39 17.23 -14.12
CA LEU A 121 5.08 15.80 -14.13
C LEU A 121 3.64 15.57 -13.70
N ILE A 122 3.23 16.25 -12.65
CA ILE A 122 1.90 16.12 -12.09
C ILE A 122 0.89 16.55 -13.12
N ALA A 123 1.19 17.64 -13.83
CA ALA A 123 0.25 18.16 -14.83
C ALA A 123 0.15 17.28 -16.07
N ALA A 124 1.29 16.84 -16.58
CA ALA A 124 1.33 15.98 -17.73
C ALA A 124 0.58 14.67 -17.41
N ALA A 125 0.84 14.11 -16.23
CA ALA A 125 0.17 12.86 -15.87
C ALA A 125 -1.36 13.03 -15.75
N HIS A 126 -1.79 14.02 -14.98
CA HIS A 126 -3.21 14.26 -14.84
C HIS A 126 -3.91 14.51 -16.18
N ALA A 127 -3.25 15.22 -17.11
CA ALA A 127 -3.87 15.48 -18.40
C ALA A 127 -4.15 14.18 -19.13
N LYS A 128 -3.44 13.13 -18.77
CA LYS A 128 -3.64 11.84 -19.44
C LYS A 128 -4.37 10.82 -18.57
N ASN A 129 -5.03 11.28 -17.51
CA ASN A 129 -5.77 10.43 -16.56
C ASN A 129 -4.89 9.44 -15.83
N ILE A 130 -3.66 9.83 -15.58
CA ILE A 130 -2.71 9.00 -14.86
C ILE A 130 -2.43 9.67 -13.50
N LYS A 131 -2.62 8.89 -12.45
CA LYS A 131 -2.39 9.32 -11.07
C LYS A 131 -0.90 9.16 -10.73
N VAL A 132 -0.43 9.94 -9.75
CA VAL A 132 0.97 9.91 -9.38
C VAL A 132 1.22 9.59 -7.93
N ILE A 133 1.90 8.48 -7.70
CA ILE A 133 2.26 8.04 -6.34
C ILE A 133 3.75 8.25 -6.15
N ILE A 134 4.10 8.73 -4.97
CA ILE A 134 5.51 8.92 -4.65
C ILE A 134 5.88 8.00 -3.50
N ASP A 135 7.11 7.52 -3.56
CA ASP A 135 7.69 6.76 -2.47
C ASP A 135 8.00 7.83 -1.42
N PHE A 136 7.87 7.47 -0.13
CA PHE A 136 8.19 8.34 1.00
C PHE A 136 8.83 7.39 2.02
N ALA A 137 10.05 7.70 2.47
CA ALA A 137 10.81 6.81 3.34
C ALA A 137 11.25 7.53 4.62
N PRO A 138 10.29 7.79 5.50
CA PRO A 138 10.58 8.53 6.75
C PRO A 138 11.21 7.72 7.89
N ASN A 139 11.71 6.53 7.58
CA ASN A 139 12.32 5.70 8.63
C ASN A 139 13.76 6.09 8.97
N HIS A 140 14.46 6.66 8.00
CA HIS A 140 15.88 6.97 8.14
C HIS A 140 16.32 8.07 7.17
N THR A 141 17.57 8.47 7.30
CA THR A 141 18.09 9.44 6.37
C THR A 141 18.95 8.70 5.35
N SER A 142 20.21 8.43 5.75
CA SER A 142 21.19 7.77 4.90
C SER A 142 22.24 7.07 5.77
N PRO A 143 23.17 6.38 5.12
CA PRO A 143 24.21 5.65 5.85
C PRO A 143 25.07 6.59 6.71
N ALA A 144 25.25 6.20 7.96
CA ALA A 144 26.02 7.03 8.86
C ALA A 144 26.81 6.20 9.86
N SER A 145 27.83 6.84 10.43
CA SER A 145 28.66 6.26 11.49
C SER A 145 28.89 7.32 12.56
N SER A 146 28.55 7.01 13.79
CA SER A 146 28.71 7.97 14.88
C SER A 146 30.18 8.29 15.14
N ASP A 147 31.01 7.25 15.17
CA ASP A 147 32.41 7.46 15.47
C ASP A 147 33.27 7.89 14.28
N GLN A 148 32.74 7.70 13.08
CA GLN A 148 33.46 8.09 11.88
C GLN A 148 32.59 9.04 11.04
N PRO A 149 32.41 10.23 11.62
CA PRO A 149 31.59 11.28 11.04
C PRO A 149 31.89 11.67 9.61
N SER A 150 33.08 11.32 9.14
CA SER A 150 33.45 11.66 7.77
C SER A 150 32.88 10.67 6.76
N PHE A 151 32.29 9.59 7.27
CA PHE A 151 31.70 8.58 6.40
C PHE A 151 30.36 9.06 5.82
N ALA A 152 30.21 8.95 4.50
CA ALA A 152 29.02 9.43 3.79
C ALA A 152 28.71 10.88 4.23
N GLU A 153 27.45 11.21 4.49
CA GLU A 153 27.14 12.56 4.94
C GLU A 153 26.70 12.47 6.37
N ASN A 154 27.17 11.42 7.04
CA ASN A 154 26.89 11.22 8.46
C ASN A 154 25.39 11.22 8.81
N GLY A 155 24.58 10.80 7.83
CA GLY A 155 23.14 10.71 7.95
C GLY A 155 22.50 12.07 8.22
N ARG A 156 23.18 13.14 7.80
CA ARG A 156 22.70 14.48 8.08
C ARG A 156 21.30 14.83 7.59
N LEU A 157 20.54 15.50 8.44
CA LEU A 157 19.18 15.89 8.12
C LEU A 157 18.99 17.41 8.04
N TYR A 158 18.48 17.90 6.90
CA TYR A 158 18.23 19.32 6.67
C TYR A 158 16.77 19.61 6.55
N ASP A 159 16.40 20.84 6.85
CA ASP A 159 15.02 21.30 6.76
C ASP A 159 15.02 22.44 5.74
N ASN A 160 14.77 22.08 4.49
CA ASN A 160 14.77 23.04 3.40
C ASN A 160 16.08 23.82 3.43
N GLY A 161 17.19 23.11 3.49
CA GLY A 161 18.50 23.72 3.47
C GLY A 161 19.17 23.96 4.82
N THR A 162 18.38 23.97 5.88
CA THR A 162 18.91 24.25 7.20
C THR A 162 19.25 22.96 7.93
N LEU A 163 20.48 22.86 8.40
CA LEU A 163 20.92 21.67 9.11
C LEU A 163 20.20 21.44 10.43
N LEU A 164 19.63 20.26 10.59
CA LEU A 164 18.96 19.93 11.84
C LEU A 164 19.96 19.15 12.67
N GLY A 165 20.69 18.24 12.03
CA GLY A 165 21.68 17.43 12.73
C GLY A 165 22.16 16.21 11.94
N GLY A 166 23.19 15.57 12.48
CA GLY A 166 23.80 14.38 11.91
C GLY A 166 23.84 13.27 12.95
N TYR A 167 24.33 12.10 12.52
CA TYR A 167 24.40 10.94 13.41
C TYR A 167 25.42 11.04 14.54
N THR A 168 26.50 11.77 14.28
CA THR A 168 27.57 11.99 15.23
C THR A 168 27.16 13.22 16.04
N ASN A 169 27.41 13.20 17.35
CA ASN A 169 27.02 14.30 18.25
C ASN A 169 25.51 14.56 18.22
N ASP A 170 24.76 13.47 18.15
CA ASP A 170 23.30 13.55 18.11
C ASP A 170 22.80 13.78 19.53
N THR A 171 23.14 14.96 20.02
CA THR A 171 22.78 15.38 21.36
C THR A 171 21.26 15.63 21.45
N GLN A 172 20.68 16.06 20.33
CA GLN A 172 19.23 16.34 20.22
C GLN A 172 18.40 15.06 20.29
N ASN A 173 19.04 13.96 19.95
CA ASN A 173 18.37 12.68 19.81
C ASN A 173 17.39 12.66 18.64
N LEU A 174 17.88 13.06 17.48
CA LEU A 174 17.11 13.05 16.26
C LEU A 174 17.04 11.60 15.78
N PHE A 175 18.09 10.82 16.10
CA PHE A 175 18.17 9.42 15.68
C PHE A 175 18.29 8.44 16.84
N HIS A 176 18.17 7.15 16.51
CA HIS A 176 18.33 6.07 17.46
C HIS A 176 19.77 5.64 17.52
N HIS A 177 20.26 5.38 18.73
CA HIS A 177 21.64 4.94 18.90
C HIS A 177 21.64 3.64 19.64
N ASN A 178 20.94 2.66 19.05
CA ASN A 178 20.78 1.35 19.66
C ASN A 178 21.49 0.23 18.93
N GLY A 179 22.36 0.53 17.98
CA GLY A 179 23.02 -0.53 17.21
C GLY A 179 22.19 -0.82 15.94
N GLY A 180 22.47 -1.91 15.25
CA GLY A 180 21.72 -2.28 14.04
C GLY A 180 20.86 -3.51 14.33
N THR A 181 19.72 -3.63 13.65
CA THR A 181 18.79 -4.75 13.84
C THR A 181 19.29 -6.01 13.14
N ASP A 182 18.93 -7.17 13.70
CA ASP A 182 19.24 -8.47 13.10
C ASP A 182 17.92 -9.04 12.59
N PHE A 183 16.87 -8.20 12.60
CA PHE A 183 15.53 -8.56 12.14
C PHE A 183 14.96 -9.69 12.98
N SER A 184 15.52 -9.91 14.16
CA SER A 184 15.10 -11.02 15.00
C SER A 184 13.70 -10.91 15.62
N THR A 185 13.24 -9.69 15.87
CA THR A 185 11.92 -9.46 16.41
C THR A 185 11.48 -8.20 15.70
N THR A 186 10.18 -7.94 15.75
CA THR A 186 9.61 -6.74 15.18
C THR A 186 10.12 -5.54 15.98
N GLU A 187 10.12 -5.64 17.31
CA GLU A 187 10.62 -4.54 18.15
C GLU A 187 12.07 -4.19 17.79
N ASN A 188 12.90 -5.22 17.66
CA ASN A 188 14.31 -5.08 17.30
C ASN A 188 14.49 -4.37 15.93
N GLY A 189 13.63 -4.67 14.96
CA GLY A 189 13.72 -4.06 13.63
C GLY A 189 13.18 -2.62 13.57
N ILE A 190 12.44 -2.22 14.60
CA ILE A 190 11.88 -0.89 14.67
C ILE A 190 12.86 0.10 15.30
N TYR A 191 13.43 -0.29 16.42
CA TYR A 191 14.30 0.60 17.20
C TYR A 191 15.81 0.55 17.04
N LYS A 192 16.26 -0.22 16.06
CA LYS A 192 17.67 -0.35 15.74
C LYS A 192 17.77 -0.06 14.25
N ASN A 193 18.99 0.26 13.80
CA ASN A 193 19.25 0.65 12.43
C ASN A 193 19.03 -0.47 11.41
N LEU A 194 18.59 -0.07 10.23
CA LEU A 194 18.44 -0.99 9.10
C LEU A 194 19.77 -0.86 8.40
N TYR A 195 20.61 -1.86 8.58
CA TYR A 195 21.92 -1.84 7.98
C TYR A 195 22.66 -0.71 8.65
N ASP A 196 23.13 0.25 7.88
CA ASP A 196 23.84 1.38 8.47
C ASP A 196 23.05 2.64 8.32
N LEU A 197 21.75 2.53 8.03
CA LEU A 197 20.95 3.73 7.82
C LEU A 197 20.63 4.42 9.13
N ALA A 198 20.94 5.70 9.23
CA ALA A 198 20.65 6.45 10.45
C ALA A 198 19.14 6.43 10.75
N ASP A 199 18.75 5.70 11.81
CA ASP A 199 17.34 5.55 12.21
C ASP A 199 16.76 6.78 12.90
N LEU A 200 15.74 7.37 12.26
CA LEU A 200 15.08 8.57 12.79
C LEU A 200 14.29 8.23 14.03
N ASN A 201 14.29 9.15 14.98
CA ASN A 201 13.59 8.96 16.25
C ASN A 201 12.28 9.73 16.18
N HIS A 202 11.18 9.03 15.88
CA HIS A 202 9.87 9.70 15.71
C HIS A 202 9.28 10.17 17.01
N ASN A 203 9.96 9.84 18.10
CA ASN A 203 9.52 10.25 19.42
C ASN A 203 10.16 11.60 19.71
N ASN A 204 11.06 12.04 18.84
CA ASN A 204 11.68 13.34 19.00
C ASN A 204 10.71 14.27 18.28
N SER A 205 10.15 15.22 19.03
CA SER A 205 9.17 16.19 18.53
C SER A 205 9.51 16.93 17.24
N THR A 206 10.79 17.28 17.10
CA THR A 206 11.31 17.98 15.93
C THR A 206 11.21 17.10 14.70
N VAL A 207 11.57 15.83 14.87
CA VAL A 207 11.50 14.85 13.79
C VAL A 207 10.02 14.67 13.46
N ASP A 208 9.21 14.44 14.48
CA ASP A 208 7.77 14.25 14.32
C ASP A 208 7.16 15.38 13.48
N VAL A 209 7.19 16.58 14.04
CA VAL A 209 6.62 17.75 13.40
C VAL A 209 7.18 17.99 12.02
N TYR A 210 8.49 17.78 11.86
CA TYR A 210 9.16 18.00 10.58
C TYR A 210 8.65 17.08 9.44
N LEU A 211 8.54 15.78 9.74
CA LEU A 211 8.13 14.82 8.74
C LEU A 211 6.68 15.06 8.33
N LYS A 212 5.84 15.40 9.30
CA LYS A 212 4.42 15.67 9.06
C LYS A 212 4.27 16.96 8.24
N ASP A 213 5.19 17.91 8.41
CA ASP A 213 5.10 19.12 7.60
C ASP A 213 5.61 18.85 6.21
N ALA A 214 6.69 18.06 6.10
CA ALA A 214 7.27 17.73 4.80
C ALA A 214 6.26 17.04 3.86
N ILE A 215 5.48 16.10 4.39
CA ILE A 215 4.52 15.38 3.56
C ILE A 215 3.41 16.34 3.08
N LYS A 216 3.08 17.32 3.91
CA LYS A 216 2.08 18.31 3.54
C LYS A 216 2.54 19.10 2.31
N MET A 217 3.84 19.32 2.17
CA MET A 217 4.37 20.03 1.01
C MET A 217 4.09 19.22 -0.25
N TRP A 218 4.29 17.91 -0.16
CA TRP A 218 4.09 17.03 -1.30
C TRP A 218 2.61 16.93 -1.67
N LEU A 219 1.76 16.91 -0.65
CA LEU A 219 0.31 16.83 -0.85
C LEU A 219 -0.15 18.07 -1.59
N ASP A 220 0.50 19.17 -1.25
CA ASP A 220 0.18 20.47 -1.83
C ASP A 220 0.62 20.52 -3.28
N LEU A 221 1.62 19.71 -3.60
CA LEU A 221 2.14 19.67 -4.96
C LEU A 221 1.24 18.83 -5.86
N GLY A 222 0.24 18.19 -5.26
CA GLY A 222 -0.72 17.42 -6.05
C GLY A 222 -0.57 15.91 -6.21
N ILE A 223 0.24 15.27 -5.38
CA ILE A 223 0.37 13.83 -5.48
C ILE A 223 -1.00 13.18 -5.22
N ASP A 224 -1.23 12.01 -5.80
CA ASP A 224 -2.49 11.30 -5.58
C ASP A 224 -2.41 10.15 -4.59
N GLY A 225 -1.19 9.74 -4.23
CA GLY A 225 -1.01 8.63 -3.31
C GLY A 225 0.42 8.57 -2.79
N ILE A 226 0.63 7.77 -1.76
CA ILE A 226 1.95 7.64 -1.15
C ILE A 226 2.31 6.17 -0.97
N ARG A 227 3.55 5.81 -1.30
CA ARG A 227 4.02 4.44 -1.07
C ARG A 227 5.03 4.54 0.06
N MET A 228 4.66 4.14 1.27
CA MET A 228 5.54 4.23 2.43
C MET A 228 6.59 3.10 2.53
N ASP A 229 7.85 3.50 2.66
CA ASP A 229 8.95 2.55 2.76
C ASP A 229 9.18 2.10 4.19
N ALA A 230 9.51 0.81 4.33
CA ALA A 230 9.91 0.17 5.60
C ALA A 230 8.93 0.27 6.77
N VAL A 231 7.65 0.05 6.50
CA VAL A 231 6.64 0.20 7.54
C VAL A 231 6.73 -0.74 8.73
N LYS A 232 7.36 -1.88 8.54
CA LYS A 232 7.54 -2.82 9.65
C LYS A 232 8.67 -2.30 10.55
N HIS A 233 9.32 -1.21 10.14
CA HIS A 233 10.45 -0.63 10.87
C HIS A 233 10.28 0.72 11.56
N MET A 234 9.04 1.17 11.68
CA MET A 234 8.74 2.42 12.37
C MET A 234 7.61 2.05 13.31
N PRO A 235 7.51 2.79 14.42
CA PRO A 235 6.48 2.50 15.40
C PRO A 235 5.13 2.62 14.70
N PHE A 236 4.30 1.62 14.91
CA PHE A 236 2.99 1.54 14.29
C PHE A 236 2.11 2.68 14.78
N GLY A 237 2.19 2.99 16.07
CA GLY A 237 1.41 4.10 16.64
C GLY A 237 1.82 5.44 16.05
N TRP A 238 3.11 5.68 15.80
CA TRP A 238 3.55 6.94 15.20
C TRP A 238 3.02 7.02 13.79
N GLN A 239 3.11 5.90 13.07
CA GLN A 239 2.63 5.84 11.70
C GLN A 239 1.15 6.09 11.63
N LYS A 240 0.38 5.59 12.59
CA LYS A 240 -1.04 5.86 12.58
C LYS A 240 -1.24 7.36 12.75
N SER A 241 -0.41 7.97 13.59
CA SER A 241 -0.53 9.40 13.83
C SER A 241 -0.13 10.17 12.60
N PHE A 242 0.77 9.59 11.81
CA PHE A 242 1.23 10.21 10.56
C PHE A 242 0.12 10.11 9.49
N MET A 243 -0.64 9.01 9.48
CA MET A 243 -1.74 8.78 8.50
C MET A 243 -2.89 9.72 8.81
N ALA A 244 -3.04 10.04 10.09
CA ALA A 244 -4.08 10.93 10.56
C ALA A 244 -3.76 12.39 10.16
N ALA A 245 -2.49 12.74 10.17
CA ALA A 245 -2.07 14.07 9.77
C ALA A 245 -2.34 14.23 8.29
N VAL A 246 -2.09 13.17 7.51
CA VAL A 246 -2.37 13.20 6.08
C VAL A 246 -3.89 13.32 5.84
N ASN A 247 -4.66 12.40 6.42
CA ASN A 247 -6.12 12.32 6.27
C ASN A 247 -6.90 13.51 6.82
N ASN A 248 -6.36 14.15 7.86
CA ASN A 248 -7.04 15.26 8.51
C ASN A 248 -6.63 16.52 7.77
N TYR A 249 -5.88 16.34 6.71
CA TYR A 249 -5.41 17.49 5.92
C TYR A 249 -5.92 17.32 4.49
N LYS A 250 -5.25 16.51 3.69
CA LYS A 250 -5.65 16.19 2.31
C LYS A 250 -5.44 14.69 2.14
N PRO A 251 -6.46 13.88 2.36
CA PRO A 251 -6.28 12.42 2.22
C PRO A 251 -5.91 11.89 0.83
N VAL A 252 -4.95 10.96 0.80
CA VAL A 252 -4.55 10.32 -0.46
C VAL A 252 -4.28 8.86 -0.19
N PHE A 253 -4.53 8.00 -1.17
CA PHE A 253 -4.30 6.56 -1.04
C PHE A 253 -2.86 6.26 -0.63
N THR A 254 -2.70 5.59 0.50
CA THR A 254 -1.38 5.22 1.04
C THR A 254 -1.24 3.71 1.34
N PHE A 255 -0.12 3.13 0.92
CA PHE A 255 0.15 1.72 1.16
C PHE A 255 1.62 1.59 1.57
N GLY A 256 1.93 0.70 2.50
CA GLY A 256 3.32 0.58 2.92
C GLY A 256 4.02 -0.70 2.49
N GLU A 257 5.35 -0.70 2.54
CA GLU A 257 6.06 -1.94 2.24
C GLU A 257 6.32 -2.70 3.52
N TRP A 258 5.75 -3.90 3.62
CA TRP A 258 5.95 -4.78 4.76
C TRP A 258 6.22 -6.16 4.18
N PHE A 259 7.51 -6.45 3.98
CA PHE A 259 7.96 -7.71 3.41
C PHE A 259 7.46 -8.98 4.10
N LEU A 260 7.05 -9.96 3.31
CA LEU A 260 6.64 -11.28 3.85
C LEU A 260 7.38 -12.28 2.98
N GLY A 261 7.91 -13.32 3.60
CA GLY A 261 8.63 -14.32 2.84
C GLY A 261 7.68 -15.39 2.33
N VAL A 262 8.25 -16.36 1.63
CA VAL A 262 7.50 -17.47 1.07
C VAL A 262 6.80 -18.22 2.22
N ASN A 263 5.50 -18.45 2.06
CA ASN A 263 4.68 -19.14 3.06
C ASN A 263 4.45 -18.40 4.36
N GLU A 264 4.92 -17.17 4.48
CA GLU A 264 4.68 -16.41 5.72
C GLU A 264 3.31 -15.70 5.70
N VAL A 265 2.57 -15.81 6.81
CA VAL A 265 1.26 -15.18 6.96
C VAL A 265 1.38 -14.55 8.35
N SER A 266 1.35 -13.22 8.42
CA SER A 266 1.57 -12.56 9.69
C SER A 266 0.35 -11.83 10.20
N PRO A 267 -0.15 -12.23 11.36
CA PRO A 267 -1.33 -11.55 11.93
C PRO A 267 -0.98 -10.11 12.28
N GLU A 268 0.29 -9.84 12.53
CA GLU A 268 0.78 -8.51 12.85
C GLU A 268 0.58 -7.63 11.60
N ASN A 269 0.99 -8.19 10.47
CA ASN A 269 0.85 -7.56 9.17
C ASN A 269 -0.64 -7.21 8.91
N HIS A 270 -1.53 -8.17 9.16
CA HIS A 270 -2.98 -7.95 8.97
C HIS A 270 -3.54 -6.80 9.83
N LYS A 271 -3.16 -6.77 11.10
CA LYS A 271 -3.66 -5.78 12.03
C LYS A 271 -3.16 -4.41 11.62
N PHE A 272 -1.93 -4.37 11.10
CA PHE A 272 -1.35 -3.11 10.63
C PHE A 272 -2.17 -2.55 9.47
N ALA A 273 -2.42 -3.41 8.50
CA ALA A 273 -3.19 -3.01 7.32
C ALA A 273 -4.62 -2.68 7.75
N ASN A 274 -5.09 -3.35 8.80
CA ASN A 274 -6.45 -3.16 9.29
C ASN A 274 -6.67 -1.97 10.19
N GLU A 275 -5.62 -1.47 10.81
CA GLU A 275 -5.76 -0.40 11.79
C GLU A 275 -4.89 0.82 11.67
N SER A 276 -3.83 0.75 10.86
CA SER A 276 -2.92 1.90 10.79
C SER A 276 -3.47 3.11 10.06
N GLY A 277 -4.36 2.91 9.09
CA GLY A 277 -4.83 4.04 8.27
C GLY A 277 -4.13 4.01 6.90
N MET A 278 -3.37 2.95 6.64
CA MET A 278 -2.75 2.76 5.31
C MET A 278 -2.90 1.27 5.00
N SER A 279 -2.89 0.90 3.73
CA SER A 279 -2.97 -0.51 3.34
C SER A 279 -1.52 -1.03 3.07
N LEU A 280 -1.36 -2.19 2.44
CA LEU A 280 -0.01 -2.68 2.24
C LEU A 280 0.20 -3.30 0.86
N LEU A 281 1.46 -3.43 0.49
CA LEU A 281 1.89 -4.13 -0.71
C LEU A 281 1.59 -5.60 -0.36
N ASP A 282 0.90 -6.32 -1.25
CA ASP A 282 0.44 -7.68 -0.94
C ASP A 282 1.50 -8.73 -1.23
N PHE A 283 2.44 -8.87 -0.29
CA PHE A 283 3.52 -9.86 -0.42
C PHE A 283 2.98 -11.27 -0.33
N ARG A 284 1.91 -11.46 0.44
CA ARG A 284 1.30 -12.79 0.61
C ARG A 284 0.73 -13.25 -0.73
N PHE A 285 0.13 -12.33 -1.45
CA PHE A 285 -0.41 -12.59 -2.78
C PHE A 285 0.73 -12.82 -3.78
N ALA A 286 1.70 -11.90 -3.78
CA ALA A 286 2.88 -12.01 -4.67
C ALA A 286 3.72 -13.27 -4.50
N GLN A 287 4.08 -13.62 -3.26
CA GLN A 287 4.89 -14.81 -3.04
C GLN A 287 4.12 -16.07 -3.48
N LYS A 288 2.81 -16.12 -3.22
CA LYS A 288 2.00 -17.28 -3.63
C LYS A 288 1.86 -17.35 -5.16
N VAL A 289 1.77 -16.19 -5.80
CA VAL A 289 1.69 -16.19 -7.26
C VAL A 289 3.00 -16.75 -7.85
N ARG A 290 4.13 -16.45 -7.20
CA ARG A 290 5.44 -16.95 -7.68
C ARG A 290 5.58 -18.45 -7.46
N GLN A 291 5.16 -18.96 -6.31
CA GLN A 291 5.21 -20.40 -6.08
C GLN A 291 4.40 -21.16 -7.14
N VAL A 292 3.18 -20.69 -7.39
CA VAL A 292 2.26 -21.36 -8.30
C VAL A 292 2.59 -21.24 -9.80
N PHE A 293 2.94 -20.03 -10.21
CA PHE A 293 3.17 -19.73 -11.61
C PHE A 293 4.62 -19.66 -12.02
N ARG A 294 5.50 -19.34 -11.10
CA ARG A 294 6.90 -19.17 -11.42
C ARG A 294 7.79 -20.35 -11.03
N ASP A 295 7.85 -20.60 -9.73
CA ASP A 295 8.71 -21.62 -9.14
C ASP A 295 8.17 -23.03 -8.99
N ASN A 296 6.89 -23.20 -9.27
CA ASN A 296 6.29 -24.52 -9.12
C ASN A 296 6.53 -25.12 -7.73
N THR A 297 6.20 -24.40 -6.67
CA THR A 297 6.39 -24.93 -5.33
C THR A 297 5.05 -25.04 -4.60
N ASP A 298 3.97 -24.74 -5.31
CA ASP A 298 2.62 -24.86 -4.73
C ASP A 298 1.68 -24.94 -5.92
N ASN A 299 0.43 -25.34 -5.72
CA ASN A 299 -0.47 -25.49 -6.83
C ASN A 299 -1.71 -24.63 -6.64
N MET A 300 -2.72 -24.79 -7.50
CA MET A 300 -3.94 -24.00 -7.42
C MET A 300 -4.67 -23.97 -6.09
N TYR A 301 -4.61 -25.06 -5.34
CA TYR A 301 -5.28 -25.10 -4.05
C TYR A 301 -4.66 -24.09 -3.09
N GLY A 302 -3.36 -23.86 -3.25
CA GLY A 302 -2.62 -22.94 -2.41
C GLY A 302 -2.93 -21.51 -2.86
N LEU A 303 -3.17 -21.31 -4.16
CA LEU A 303 -3.53 -19.98 -4.65
C LEU A 303 -4.93 -19.66 -4.12
N LYS A 304 -5.80 -20.67 -4.13
CA LYS A 304 -7.16 -20.53 -3.65
C LYS A 304 -7.25 -20.25 -2.16
N ALA A 305 -6.44 -20.93 -1.37
CA ALA A 305 -6.43 -20.69 0.07
C ALA A 305 -5.92 -19.27 0.38
N MET A 306 -4.97 -18.79 -0.42
CA MET A 306 -4.44 -17.44 -0.19
C MET A 306 -5.57 -16.44 -0.49
N LEU A 307 -6.27 -16.65 -1.60
CA LEU A 307 -7.37 -15.77 -1.99
C LEU A 307 -8.44 -15.71 -0.92
N GLU A 308 -8.85 -16.87 -0.41
CA GLU A 308 -9.88 -16.96 0.61
C GLU A 308 -9.43 -16.48 1.95
N GLY A 309 -8.19 -16.82 2.31
CA GLY A 309 -7.64 -16.41 3.60
C GLY A 309 -7.49 -14.91 3.66
N SER A 310 -6.87 -14.33 2.63
CA SER A 310 -6.67 -12.89 2.59
C SER A 310 -7.96 -12.08 2.56
N ALA A 311 -8.98 -12.58 1.84
CA ALA A 311 -10.26 -11.90 1.80
C ALA A 311 -10.79 -11.83 3.21
N ALA A 312 -10.55 -12.88 4.00
CA ALA A 312 -10.97 -12.94 5.40
C ALA A 312 -10.07 -12.12 6.35
N ASP A 313 -8.74 -12.21 6.17
CA ASP A 313 -7.78 -11.52 7.05
C ASP A 313 -7.67 -10.00 6.91
N TYR A 314 -7.76 -9.50 5.68
CA TYR A 314 -7.68 -8.05 5.47
C TYR A 314 -9.07 -7.44 5.52
N ALA A 315 -9.29 -6.45 6.40
CA ALA A 315 -10.59 -5.78 6.48
C ALA A 315 -10.91 -5.15 5.13
N GLN A 316 -9.93 -4.59 4.43
CA GLN A 316 -10.22 -4.04 3.11
C GLN A 316 -9.26 -4.69 2.15
N VAL A 317 -9.50 -5.94 1.78
CA VAL A 317 -8.61 -6.66 0.89
C VAL A 317 -8.47 -5.91 -0.44
N ASP A 318 -9.48 -5.14 -0.82
CA ASP A 318 -9.39 -4.41 -2.09
C ASP A 318 -8.43 -3.26 -2.14
N ASP A 319 -7.84 -2.92 -0.99
CA ASP A 319 -6.85 -1.85 -0.88
C ASP A 319 -5.44 -2.38 -0.92
N GLN A 320 -5.27 -3.70 -0.93
CA GLN A 320 -3.94 -4.32 -0.97
C GLN A 320 -3.35 -4.23 -2.36
N VAL A 321 -2.09 -3.77 -2.45
CA VAL A 321 -1.41 -3.58 -3.73
C VAL A 321 -0.64 -4.81 -4.17
N THR A 322 -1.22 -5.53 -5.12
CA THR A 322 -0.67 -6.79 -5.60
C THR A 322 0.42 -6.59 -6.65
N PHE A 323 1.24 -7.62 -6.84
CA PHE A 323 2.31 -7.52 -7.83
C PHE A 323 2.88 -8.93 -7.99
N ILE A 324 3.76 -9.10 -8.97
CA ILE A 324 4.43 -10.38 -9.21
C ILE A 324 5.96 -10.29 -9.02
N ASP A 325 6.47 -9.06 -8.90
CA ASP A 325 7.87 -8.78 -8.62
C ASP A 325 8.09 -7.30 -8.31
N ASN A 326 9.27 -6.97 -7.82
CA ASN A 326 9.59 -5.58 -7.50
C ASN A 326 11.09 -5.39 -7.35
N HIS A 327 11.52 -4.20 -6.94
CA HIS A 327 12.96 -3.87 -6.81
C HIS A 327 13.67 -4.72 -5.77
N ASP A 328 12.90 -5.45 -4.96
CA ASP A 328 13.47 -6.29 -3.92
C ASP A 328 13.30 -7.79 -4.14
N MET A 329 13.02 -8.21 -5.37
CA MET A 329 12.91 -9.62 -5.73
C MET A 329 13.58 -9.81 -7.06
N GLU A 330 13.92 -11.05 -7.37
CA GLU A 330 14.46 -11.38 -8.67
C GLU A 330 13.33 -11.15 -9.64
N ARG A 331 13.62 -10.70 -10.85
CA ARG A 331 12.56 -10.47 -11.83
C ARG A 331 11.77 -11.76 -12.09
N PHE A 332 10.43 -11.61 -12.22
CA PHE A 332 9.57 -12.80 -12.40
C PHE A 332 10.07 -13.67 -13.54
N HIS A 333 10.35 -13.03 -14.67
CA HIS A 333 10.82 -13.75 -15.84
C HIS A 333 12.27 -14.20 -15.75
N ALA A 334 12.48 -15.52 -15.72
CA ALA A 334 13.80 -16.13 -15.68
C ALA A 334 14.22 -16.24 -17.13
N SER A 335 15.48 -15.92 -17.42
CA SER A 335 16.02 -15.91 -18.79
C SER A 335 15.65 -17.13 -19.63
N ASN A 336 15.61 -18.26 -18.95
CA ASN A 336 15.32 -19.53 -19.57
C ASN A 336 13.84 -19.92 -19.50
N ALA A 337 13.01 -19.08 -18.88
CA ALA A 337 11.62 -19.41 -18.68
C ALA A 337 10.66 -19.26 -19.84
N ASN A 338 9.57 -20.04 -19.81
CA ASN A 338 8.52 -19.90 -20.83
C ASN A 338 7.82 -18.59 -20.49
N ARG A 339 7.68 -17.72 -21.47
CA ARG A 339 7.08 -16.41 -21.26
C ARG A 339 5.63 -16.49 -20.80
N ARG A 340 4.95 -17.58 -21.12
CA ARG A 340 3.56 -17.77 -20.75
C ARG A 340 3.38 -17.71 -19.25
N LYS A 341 4.41 -18.09 -18.50
CA LYS A 341 4.30 -18.06 -17.03
C LYS A 341 4.09 -16.63 -16.55
N LEU A 342 4.83 -15.70 -17.16
CA LEU A 342 4.74 -14.27 -16.85
C LEU A 342 3.40 -13.71 -17.33
N GLU A 343 3.03 -14.04 -18.56
CA GLU A 343 1.74 -13.61 -19.14
C GLU A 343 0.55 -13.96 -18.27
N GLN A 344 0.53 -15.21 -17.80
CA GLN A 344 -0.50 -15.73 -16.93
C GLN A 344 -0.51 -15.04 -15.57
N ALA A 345 0.66 -14.96 -14.93
CA ALA A 345 0.77 -14.32 -13.62
C ALA A 345 0.24 -12.89 -13.76
N LEU A 346 0.53 -12.26 -14.89
CA LEU A 346 0.05 -10.89 -15.16
C LEU A 346 -1.47 -10.86 -15.31
N ALA A 347 -2.01 -11.73 -16.16
CA ALA A 347 -3.45 -11.76 -16.36
C ALA A 347 -4.19 -12.02 -15.06
N PHE A 348 -3.63 -12.88 -14.22
CA PHE A 348 -4.23 -13.21 -12.93
C PHE A 348 -4.24 -11.99 -12.01
N THR A 349 -3.12 -11.30 -11.94
CA THR A 349 -3.02 -10.12 -11.08
C THR A 349 -3.97 -9.02 -11.49
N LEU A 350 -4.03 -8.77 -12.80
CA LEU A 350 -4.86 -7.71 -13.38
C LEU A 350 -6.35 -7.89 -13.20
N THR A 351 -6.78 -9.14 -13.03
CA THR A 351 -8.21 -9.43 -12.88
C THR A 351 -8.55 -9.85 -11.45
N SER A 352 -7.57 -9.78 -10.54
CA SER A 352 -7.81 -10.16 -9.15
C SER A 352 -8.10 -8.93 -8.29
N ARG A 353 -8.56 -9.18 -7.08
CA ARG A 353 -8.94 -8.11 -6.15
C ARG A 353 -7.74 -7.28 -5.66
N GLY A 354 -8.00 -6.04 -5.29
CA GLY A 354 -6.93 -5.17 -4.80
C GLY A 354 -6.59 -4.08 -5.79
N VAL A 355 -5.32 -3.67 -5.79
CA VAL A 355 -4.80 -2.62 -6.68
C VAL A 355 -3.54 -3.17 -7.36
N PRO A 356 -3.64 -3.58 -8.61
CA PRO A 356 -2.48 -4.15 -9.27
C PRO A 356 -1.36 -3.16 -9.51
N ALA A 357 -0.13 -3.61 -9.24
CA ALA A 357 1.09 -2.85 -9.51
C ALA A 357 2.01 -3.68 -10.41
N ILE A 358 2.50 -3.05 -11.48
CA ILE A 358 3.42 -3.65 -12.44
C ILE A 358 4.83 -3.00 -12.36
N TYR A 359 5.86 -3.79 -12.08
CA TYR A 359 7.22 -3.27 -12.01
C TYR A 359 7.64 -2.89 -13.42
N TYR A 360 8.20 -1.69 -13.61
CA TYR A 360 8.59 -1.24 -14.96
C TYR A 360 9.41 -2.31 -15.72
N GLY A 361 9.09 -2.51 -17.00
CA GLY A 361 9.84 -3.47 -17.79
C GLY A 361 9.41 -4.92 -17.73
N THR A 362 8.35 -5.21 -16.96
CA THR A 362 7.79 -6.57 -16.88
C THR A 362 7.25 -6.95 -18.28
N GLU A 363 6.59 -5.98 -18.91
CA GLU A 363 5.98 -6.18 -20.22
C GLU A 363 7.02 -6.39 -21.31
N GLN A 364 8.29 -6.20 -20.94
CA GLN A 364 9.42 -6.37 -21.88
C GLN A 364 10.22 -7.62 -21.54
N TYR A 365 9.71 -8.45 -20.62
CA TYR A 365 10.38 -9.68 -20.20
C TYR A 365 11.79 -9.53 -19.60
N MET A 366 12.04 -8.37 -18.98
CA MET A 366 13.32 -8.17 -18.33
C MET A 366 13.54 -9.27 -17.29
N SER A 367 14.77 -9.76 -17.22
CA SER A 367 15.16 -10.81 -16.26
C SER A 367 16.32 -10.23 -15.46
N GLY A 368 16.50 -10.71 -14.25
CA GLY A 368 17.57 -10.17 -13.44
C GLY A 368 17.40 -10.69 -12.03
N GLY A 369 18.52 -10.95 -11.39
CA GLY A 369 18.51 -11.45 -10.04
C GLY A 369 18.23 -10.27 -9.12
N THR A 370 18.70 -10.41 -7.90
CA THR A 370 18.48 -9.40 -6.90
C THR A 370 19.33 -8.15 -7.09
N ASP A 371 19.01 -7.16 -6.27
CA ASP A 371 19.63 -5.84 -6.23
C ASP A 371 21.14 -5.87 -6.46
N PRO A 372 21.65 -5.14 -7.46
CA PRO A 372 20.88 -4.22 -8.27
C PRO A 372 20.51 -4.78 -9.63
N ASP A 373 20.59 -6.10 -9.77
CA ASP A 373 20.31 -6.69 -11.07
C ASP A 373 18.91 -6.69 -11.61
N ASN A 374 17.96 -6.44 -10.72
CA ASN A 374 16.55 -6.35 -11.08
C ASN A 374 16.20 -4.89 -11.44
N ARG A 375 17.21 -4.02 -11.42
CA ARG A 375 17.01 -2.61 -11.67
C ARG A 375 17.70 -2.07 -12.90
N ALA A 376 17.68 -2.85 -13.98
CA ALA A 376 18.31 -2.42 -15.24
C ALA A 376 17.47 -1.38 -15.97
N ARG A 377 18.08 -0.62 -16.88
CA ARG A 377 17.32 0.36 -17.66
C ARG A 377 16.36 -0.41 -18.57
N ILE A 378 15.14 0.09 -18.75
CA ILE A 378 14.19 -0.59 -19.62
C ILE A 378 14.79 -0.66 -21.03
N PRO A 379 14.93 -1.85 -21.60
CA PRO A 379 15.58 -1.98 -22.90
C PRO A 379 14.74 -1.68 -24.14
N SER A 380 13.43 -1.55 -23.99
CA SER A 380 12.60 -1.33 -25.18
C SER A 380 11.28 -0.64 -24.82
N PHE A 381 10.72 0.06 -25.80
CA PHE A 381 9.44 0.75 -25.64
C PHE A 381 8.46 0.23 -26.67
N SER A 382 8.57 -1.08 -26.93
CA SER A 382 7.73 -1.76 -27.89
C SER A 382 6.38 -2.12 -27.31
N THR A 383 5.34 -1.86 -28.09
CA THR A 383 3.99 -2.16 -27.65
C THR A 383 3.59 -3.53 -28.22
N SER A 384 4.51 -4.15 -28.96
CA SER A 384 4.22 -5.41 -29.63
C SER A 384 4.38 -6.74 -28.88
N THR A 385 4.84 -6.69 -27.63
CA THR A 385 5.00 -7.90 -26.85
C THR A 385 3.65 -8.48 -26.44
N THR A 386 3.62 -9.77 -26.17
CA THR A 386 2.39 -10.41 -25.76
C THR A 386 2.01 -9.85 -24.41
N ALA A 387 3.04 -9.64 -23.58
CA ALA A 387 2.84 -9.14 -22.23
C ALA A 387 2.21 -7.76 -22.26
N TYR A 388 2.73 -6.88 -23.09
CA TYR A 388 2.16 -5.54 -23.25
C TYR A 388 0.68 -5.60 -23.68
N GLN A 389 0.36 -6.53 -24.57
CA GLN A 389 -1.01 -6.69 -25.08
C GLN A 389 -1.99 -7.22 -24.07
N VAL A 390 -1.51 -8.07 -23.18
CA VAL A 390 -2.32 -8.64 -22.09
C VAL A 390 -2.77 -7.50 -21.18
N ILE A 391 -1.82 -6.66 -20.81
CA ILE A 391 -2.09 -5.50 -19.94
C ILE A 391 -3.06 -4.55 -20.62
N GLN A 392 -2.84 -4.34 -21.92
CA GLN A 392 -3.67 -3.48 -22.74
C GLN A 392 -5.12 -3.96 -22.76
N LYS A 393 -5.31 -5.28 -22.86
CA LYS A 393 -6.66 -5.85 -22.89
C LYS A 393 -7.33 -5.94 -21.54
N LEU A 394 -6.55 -6.24 -20.52
CA LEU A 394 -7.10 -6.42 -19.17
C LEU A 394 -7.13 -5.21 -18.24
N ALA A 395 -6.13 -4.34 -18.33
CA ALA A 395 -6.06 -3.17 -17.45
C ALA A 395 -7.33 -2.33 -17.48
N PRO A 396 -7.84 -2.03 -18.66
CA PRO A 396 -9.03 -1.20 -18.78
C PRO A 396 -10.29 -1.80 -18.12
N LEU A 397 -10.35 -3.11 -17.98
CA LEU A 397 -11.52 -3.68 -17.34
C LEU A 397 -11.70 -3.24 -15.89
N ARG A 398 -10.64 -2.80 -15.21
CA ARG A 398 -10.82 -2.39 -13.82
C ARG A 398 -11.69 -1.12 -13.76
N LYS A 399 -11.69 -0.36 -14.84
CA LYS A 399 -12.45 0.87 -14.95
C LYS A 399 -13.87 0.57 -15.46
N CYS A 400 -13.99 -0.26 -16.47
CA CYS A 400 -15.28 -0.56 -17.07
C CYS A 400 -16.05 -1.70 -16.45
N ASN A 401 -15.36 -2.60 -15.78
CA ASN A 401 -16.06 -3.69 -15.12
C ASN A 401 -15.85 -3.62 -13.59
N PRO A 402 -16.78 -3.03 -12.86
CA PRO A 402 -16.63 -2.91 -11.39
C PRO A 402 -16.56 -4.23 -10.63
N ALA A 403 -16.88 -5.35 -11.28
CA ALA A 403 -16.77 -6.66 -10.63
C ALA A 403 -15.27 -6.91 -10.36
N ILE A 404 -14.43 -6.48 -11.30
CA ILE A 404 -12.97 -6.65 -11.18
C ILE A 404 -12.33 -5.68 -10.19
N ALA A 405 -12.87 -4.48 -10.11
CA ALA A 405 -12.38 -3.44 -9.20
C ALA A 405 -12.82 -3.68 -7.76
N TYR A 406 -14.07 -4.05 -7.58
CA TYR A 406 -14.63 -4.20 -6.24
C TYR A 406 -15.30 -5.53 -5.93
N GLY A 407 -15.39 -6.42 -6.90
CA GLY A 407 -16.13 -7.66 -6.65
C GLY A 407 -15.58 -8.63 -5.61
N SER A 408 -16.44 -9.53 -5.18
CA SER A 408 -16.05 -10.61 -4.29
C SER A 408 -15.26 -11.54 -5.19
N THR A 409 -14.67 -12.58 -4.65
CA THR A 409 -13.88 -13.52 -5.46
C THR A 409 -14.40 -14.90 -5.14
N GLN A 410 -14.76 -15.68 -6.16
CA GLN A 410 -15.23 -17.03 -5.87
C GLN A 410 -14.69 -18.13 -6.78
N GLU A 411 -14.16 -19.20 -6.19
CA GLU A 411 -13.65 -20.32 -6.96
C GLU A 411 -14.85 -21.07 -7.56
N ARG A 412 -14.83 -21.29 -8.87
CA ARG A 412 -15.90 -22.03 -9.56
C ARG A 412 -15.47 -23.40 -10.11
N TRP A 413 -14.15 -23.59 -10.33
CA TRP A 413 -13.63 -24.86 -10.81
C TRP A 413 -12.16 -24.93 -10.41
N ILE A 414 -11.70 -26.10 -9.97
CA ILE A 414 -10.29 -26.18 -9.58
C ILE A 414 -9.70 -27.58 -9.56
N ASN A 415 -8.42 -27.69 -9.91
CA ASN A 415 -7.60 -28.90 -9.79
C ASN A 415 -6.15 -28.46 -9.52
N ASN A 416 -5.17 -29.36 -9.55
CA ASN A 416 -3.80 -28.94 -9.23
C ASN A 416 -3.33 -27.79 -10.09
N ASP A 417 -3.71 -27.83 -11.36
CA ASP A 417 -3.23 -26.88 -12.37
C ASP A 417 -4.21 -25.87 -12.89
N VAL A 418 -5.49 -26.07 -12.64
CA VAL A 418 -6.50 -25.15 -13.16
C VAL A 418 -7.25 -24.40 -12.07
N LEU A 419 -7.49 -23.12 -12.30
CA LEU A 419 -8.31 -22.34 -11.38
C LEU A 419 -9.23 -21.48 -12.22
N ILE A 420 -10.54 -21.59 -11.98
CA ILE A 420 -11.51 -20.75 -12.66
C ILE A 420 -12.16 -20.00 -11.51
N TYR A 421 -12.03 -18.67 -11.52
CA TYR A 421 -12.61 -17.86 -10.46
C TYR A 421 -13.54 -16.83 -11.04
N GLU A 422 -14.41 -16.33 -10.16
CA GLU A 422 -15.41 -15.37 -10.54
C GLU A 422 -15.43 -14.15 -9.63
N ARG A 423 -15.49 -12.98 -10.27
CA ARG A 423 -15.62 -11.71 -9.59
C ARG A 423 -17.04 -11.21 -9.85
N LYS A 424 -17.69 -10.67 -8.83
CA LYS A 424 -19.05 -10.17 -8.98
C LYS A 424 -19.31 -8.92 -8.11
N PHE A 425 -19.97 -7.93 -8.72
CA PHE A 425 -20.30 -6.70 -8.05
C PHE A 425 -21.55 -6.13 -8.73
N GLY A 426 -22.66 -6.09 -7.99
CA GLY A 426 -23.90 -5.60 -8.58
C GLY A 426 -24.24 -6.42 -9.82
N SER A 427 -24.67 -5.76 -10.89
CA SER A 427 -25.02 -6.48 -12.11
C SER A 427 -23.80 -6.64 -12.98
N ASN A 428 -22.66 -6.95 -12.38
CA ASN A 428 -21.45 -7.08 -13.17
C ASN A 428 -20.76 -8.35 -12.77
N VAL A 429 -20.19 -9.05 -13.74
CA VAL A 429 -19.53 -10.32 -13.48
C VAL A 429 -18.30 -10.48 -14.36
N ALA A 430 -17.31 -11.19 -13.86
CA ALA A 430 -16.15 -11.54 -14.68
C ALA A 430 -15.69 -12.92 -14.24
N VAL A 431 -15.45 -13.80 -15.21
CA VAL A 431 -14.98 -15.15 -14.90
C VAL A 431 -13.62 -15.33 -15.59
N VAL A 432 -12.65 -15.82 -14.84
CA VAL A 432 -11.31 -16.02 -15.39
C VAL A 432 -10.88 -17.48 -15.23
N ALA A 433 -10.43 -18.10 -16.33
CA ALA A 433 -9.98 -19.48 -16.27
C ALA A 433 -8.47 -19.50 -16.57
N VAL A 434 -7.70 -20.14 -15.69
CA VAL A 434 -6.24 -20.23 -15.88
C VAL A 434 -5.74 -21.67 -15.75
N ASN A 435 -4.97 -22.13 -16.73
CA ASN A 435 -4.38 -23.47 -16.75
C ASN A 435 -2.85 -23.32 -16.73
N ARG A 436 -2.25 -23.40 -15.54
CA ARG A 436 -0.80 -23.25 -15.36
C ARG A 436 -0.02 -24.35 -16.06
N ASN A 437 -0.67 -25.48 -16.30
CA ASN A 437 0.01 -26.59 -16.95
C ASN A 437 0.34 -26.23 -18.38
N LEU A 438 1.61 -26.08 -18.65
CA LEU A 438 2.07 -25.68 -19.97
C LEU A 438 2.11 -26.82 -20.99
N ASN A 439 1.90 -28.05 -20.54
CA ASN A 439 1.93 -29.17 -21.49
C ASN A 439 0.66 -29.97 -21.58
N ALA A 440 -0.24 -29.82 -20.62
CA ALA A 440 -1.46 -30.59 -20.60
C ALA A 440 -2.71 -29.74 -20.56
N PRO A 441 -3.61 -29.99 -21.50
CA PRO A 441 -4.89 -29.29 -21.52
C PRO A 441 -5.77 -29.88 -20.41
N ALA A 442 -6.87 -29.20 -20.16
CA ALA A 442 -7.80 -29.66 -19.16
C ALA A 442 -9.19 -29.68 -19.76
N SER A 443 -9.98 -30.66 -19.33
CA SER A 443 -11.33 -30.80 -19.83
C SER A 443 -12.27 -30.19 -18.79
N ILE A 444 -12.91 -29.09 -19.16
CA ILE A 444 -13.80 -28.42 -18.22
C ILE A 444 -15.32 -28.66 -18.32
N SER A 445 -15.82 -29.43 -17.36
CA SER A 445 -17.26 -29.73 -17.29
C SER A 445 -17.80 -29.54 -15.88
N GLY A 446 -19.04 -29.11 -15.75
CA GLY A 446 -19.63 -28.89 -14.43
C GLY A 446 -19.35 -27.48 -13.93
N LEU A 447 -18.82 -26.62 -14.79
CA LEU A 447 -18.55 -25.25 -14.38
C LEU A 447 -19.87 -24.48 -14.33
N VAL A 448 -20.13 -23.86 -13.19
CA VAL A 448 -21.33 -23.07 -12.98
C VAL A 448 -20.92 -21.61 -12.65
N THR A 449 -21.57 -20.63 -13.30
CA THR A 449 -21.25 -19.22 -13.09
C THR A 449 -22.50 -18.38 -12.82
N SER A 450 -22.33 -17.07 -12.63
CA SER A 450 -23.42 -16.11 -12.40
C SER A 450 -23.57 -15.32 -13.71
N LEU A 451 -22.95 -15.82 -14.75
CA LEU A 451 -23.03 -15.13 -16.02
C LEU A 451 -24.41 -15.43 -16.63
N PRO A 452 -25.04 -14.44 -17.26
CA PRO A 452 -26.34 -14.66 -17.89
C PRO A 452 -26.15 -15.59 -19.10
N GLN A 453 -27.26 -16.17 -19.56
CA GLN A 453 -27.29 -17.09 -20.70
C GLN A 453 -26.73 -16.43 -21.95
N GLY A 454 -25.93 -17.18 -22.72
CA GLY A 454 -25.34 -16.63 -23.94
C GLY A 454 -23.93 -17.13 -24.27
N SER A 455 -23.38 -16.65 -25.36
CA SER A 455 -22.04 -17.02 -25.81
C SER A 455 -21.13 -15.84 -25.44
N TYR A 456 -19.97 -16.16 -24.87
CA TYR A 456 -19.03 -15.17 -24.36
C TYR A 456 -17.64 -15.32 -24.99
N ASN A 457 -17.19 -14.29 -25.67
CA ASN A 457 -15.87 -14.30 -26.28
C ASN A 457 -14.81 -13.99 -25.24
N ASP A 458 -13.64 -14.61 -25.41
CA ASP A 458 -12.52 -14.40 -24.51
C ASP A 458 -12.08 -12.96 -24.65
N VAL A 459 -12.08 -12.20 -23.54
CA VAL A 459 -11.63 -10.81 -23.61
C VAL A 459 -10.21 -10.67 -24.16
N LEU A 460 -9.38 -11.69 -23.93
CA LEU A 460 -8.00 -11.66 -24.40
C LEU A 460 -7.95 -12.02 -25.89
N GLY A 461 -9.09 -12.38 -26.45
CA GLY A 461 -9.18 -12.74 -27.87
C GLY A 461 -8.31 -13.93 -28.32
N GLY A 462 -8.11 -14.93 -27.46
CA GLY A 462 -7.28 -16.08 -27.77
C GLY A 462 -5.78 -15.80 -27.70
N LEU A 463 -5.41 -14.59 -27.26
CA LEU A 463 -4.00 -14.23 -27.16
C LEU A 463 -3.24 -15.22 -26.30
N LEU A 464 -3.87 -15.69 -25.24
CA LEU A 464 -3.25 -16.67 -24.35
C LEU A 464 -3.95 -17.99 -24.45
N ASN A 465 -4.34 -18.33 -25.68
CA ASN A 465 -5.04 -19.58 -25.99
C ASN A 465 -6.36 -19.79 -25.24
N GLY A 466 -7.07 -18.69 -24.94
CA GLY A 466 -8.34 -18.78 -24.25
C GLY A 466 -9.40 -19.16 -25.28
N ASN A 467 -10.62 -19.42 -24.84
CA ASN A 467 -11.69 -19.82 -25.76
C ASN A 467 -13.01 -19.11 -25.45
N THR A 468 -14.01 -19.34 -26.31
CA THR A 468 -15.34 -18.79 -26.16
C THR A 468 -16.06 -19.66 -25.14
N LEU A 469 -16.95 -19.07 -24.34
CA LEU A 469 -17.71 -19.85 -23.36
C LEU A 469 -19.20 -19.76 -23.67
N SER A 470 -19.93 -20.87 -23.54
CA SER A 470 -21.38 -20.92 -23.78
C SER A 470 -22.05 -21.27 -22.49
N VAL A 471 -22.84 -20.34 -22.00
CA VAL A 471 -23.52 -20.50 -20.75
C VAL A 471 -25.00 -20.75 -20.97
N GLY A 472 -25.53 -21.75 -20.30
CA GLY A 472 -26.94 -22.07 -20.45
C GLY A 472 -27.75 -21.53 -19.28
N SER A 473 -28.88 -22.18 -19.03
CA SER A 473 -29.74 -21.80 -17.93
C SER A 473 -28.98 -22.16 -16.66
N GLY A 474 -29.25 -21.47 -15.58
CA GLY A 474 -28.56 -21.75 -14.33
C GLY A 474 -27.11 -21.28 -14.28
N GLY A 475 -26.60 -20.67 -15.35
CA GLY A 475 -25.22 -20.20 -15.37
C GLY A 475 -24.26 -21.37 -15.62
N ALA A 476 -24.82 -22.52 -15.97
CA ALA A 476 -24.01 -23.70 -16.29
C ALA A 476 -23.35 -23.52 -17.63
N ALA A 477 -22.04 -23.71 -17.71
CA ALA A 477 -21.29 -23.58 -18.96
C ALA A 477 -21.24 -24.96 -19.62
N SER A 478 -21.40 -25.01 -20.92
CA SER A 478 -21.31 -26.30 -21.58
C SER A 478 -19.83 -26.72 -21.59
N ASN A 479 -19.55 -28.02 -21.72
CA ASN A 479 -18.18 -28.51 -21.65
C ASN A 479 -17.25 -27.78 -22.58
N PHE A 480 -15.99 -27.68 -22.18
CA PHE A 480 -14.99 -27.07 -23.05
C PHE A 480 -13.60 -27.52 -22.68
N THR A 481 -12.67 -27.36 -23.61
CA THR A 481 -11.29 -27.71 -23.39
C THR A 481 -10.50 -26.43 -23.05
N LEU A 482 -9.76 -26.47 -21.95
CA LEU A 482 -8.95 -25.34 -21.57
C LEU A 482 -7.52 -25.72 -21.96
N ALA A 483 -7.04 -25.08 -23.02
CA ALA A 483 -5.72 -25.30 -23.59
C ALA A 483 -4.62 -25.30 -22.58
N ALA A 484 -3.49 -25.89 -22.97
CA ALA A 484 -2.29 -25.94 -22.14
C ALA A 484 -1.82 -24.49 -22.05
N GLY A 485 -1.45 -24.06 -20.85
CA GLY A 485 -1.03 -22.67 -20.62
C GLY A 485 -2.15 -21.67 -21.00
N GLY A 486 -3.37 -22.17 -21.13
CA GLY A 486 -4.49 -21.33 -21.54
C GLY A 486 -5.02 -20.38 -20.47
N THR A 487 -5.40 -19.19 -20.93
CA THR A 487 -5.96 -18.21 -20.03
C THR A 487 -7.10 -17.48 -20.76
N ALA A 488 -8.28 -17.42 -20.15
CA ALA A 488 -9.44 -16.78 -20.77
C ALA A 488 -10.23 -15.90 -19.79
N VAL A 489 -10.78 -14.80 -20.28
CA VAL A 489 -11.57 -13.90 -19.42
C VAL A 489 -12.95 -13.67 -20.08
N TRP A 490 -14.00 -13.93 -19.33
CA TRP A 490 -15.37 -13.70 -19.84
C TRP A 490 -16.05 -12.72 -18.88
N GLN A 491 -16.85 -11.81 -19.40
CA GLN A 491 -17.47 -10.83 -18.52
C GLN A 491 -18.87 -10.46 -18.96
N TYR A 492 -19.61 -9.88 -18.03
CA TYR A 492 -20.94 -9.39 -18.27
C TYR A 492 -21.07 -8.08 -17.52
N THR A 493 -21.54 -7.04 -18.18
CA THR A 493 -21.70 -5.75 -17.54
C THR A 493 -23.11 -5.20 -17.82
N ALA A 494 -23.70 -4.51 -16.85
CA ALA A 494 -25.03 -3.90 -16.97
C ALA A 494 -25.22 -2.94 -15.81
N ALA A 495 -26.12 -1.98 -15.95
CA ALA A 495 -26.40 -0.99 -14.90
C ALA A 495 -26.89 -1.67 -13.63
N THR A 496 -26.45 -1.18 -12.48
CA THR A 496 -26.85 -1.78 -11.19
C THR A 496 -27.97 -0.94 -10.62
N ALA A 497 -29.07 -1.60 -10.25
CA ALA A 497 -30.29 -0.94 -9.76
C ALA A 497 -30.27 -0.56 -8.31
N THR A 498 -29.74 -1.45 -7.47
CA THR A 498 -29.69 -1.15 -6.06
C THR A 498 -28.33 -0.54 -5.64
N PRO A 499 -28.37 0.39 -4.68
CA PRO A 499 -27.16 1.05 -4.21
C PRO A 499 -26.23 -0.02 -3.71
N THR A 500 -25.00 0.02 -4.19
CA THR A 500 -24.01 -0.98 -3.80
C THR A 500 -22.67 -0.27 -3.58
N ILE A 501 -22.12 -0.41 -2.37
CA ILE A 501 -20.83 0.21 -2.06
C ILE A 501 -19.65 -0.72 -2.41
N GLY A 502 -18.74 -0.23 -3.23
CA GLY A 502 -17.59 -1.01 -3.63
C GLY A 502 -16.33 -0.55 -2.91
N HIS A 503 -16.32 0.68 -2.41
CA HIS A 503 -15.12 1.16 -1.73
C HIS A 503 -15.35 2.38 -0.88
N VAL A 504 -14.54 2.56 0.16
CA VAL A 504 -14.57 3.77 1.01
C VAL A 504 -13.13 4.25 1.32
N GLY A 505 -12.89 5.55 1.25
CA GLY A 505 -11.56 6.10 1.51
C GLY A 505 -11.68 7.58 1.83
N PRO A 506 -10.88 8.08 2.77
CA PRO A 506 -9.96 7.26 3.58
C PRO A 506 -10.79 6.45 4.59
N MET A 507 -10.17 5.51 5.29
CA MET A 507 -10.89 4.70 6.28
C MET A 507 -10.70 5.14 7.74
N MET A 508 -10.06 6.29 7.93
CA MET A 508 -9.77 6.82 9.28
C MET A 508 -9.57 8.36 9.23
N ALA A 509 -10.36 9.13 9.97
CA ALA A 509 -10.19 10.57 9.92
C ALA A 509 -11.03 11.14 11.02
N LYS A 510 -10.86 12.42 11.32
CA LYS A 510 -11.65 13.04 12.37
C LYS A 510 -12.95 13.60 11.77
N PRO A 511 -13.91 13.91 12.62
CA PRO A 511 -15.18 14.46 12.10
C PRO A 511 -14.94 15.71 11.21
N GLY A 512 -15.75 15.91 10.18
CA GLY A 512 -15.57 17.10 9.32
C GLY A 512 -14.74 16.84 8.06
N VAL A 513 -13.98 15.75 8.10
CA VAL A 513 -13.16 15.36 6.97
C VAL A 513 -14.08 14.70 5.93
N THR A 514 -13.81 14.96 4.65
CA THR A 514 -14.67 14.41 3.59
C THR A 514 -14.15 13.06 3.12
N ILE A 515 -15.06 12.08 3.11
CA ILE A 515 -14.75 10.72 2.64
C ILE A 515 -15.43 10.44 1.28
N THR A 516 -14.87 9.50 0.54
CA THR A 516 -15.38 9.18 -0.77
C THR A 516 -15.88 7.76 -0.75
N ILE A 517 -17.16 7.62 -1.05
CA ILE A 517 -17.84 6.34 -1.10
C ILE A 517 -18.11 6.06 -2.59
N ASP A 518 -17.54 4.97 -3.11
CA ASP A 518 -17.65 4.64 -4.52
C ASP A 518 -18.35 3.31 -4.71
N GLY A 519 -19.03 3.15 -5.84
CA GLY A 519 -19.72 1.90 -6.15
C GLY A 519 -20.66 2.08 -7.35
N ARG A 520 -21.86 1.52 -7.24
CA ARG A 520 -22.87 1.61 -8.31
C ARG A 520 -24.28 1.67 -7.72
N GLY A 521 -25.21 2.23 -8.49
CA GLY A 521 -26.61 2.30 -8.09
C GLY A 521 -26.94 3.31 -6.98
N PHE A 522 -26.12 4.33 -6.77
CA PHE A 522 -26.46 5.29 -5.73
C PHE A 522 -27.56 6.21 -6.25
N GLY A 523 -27.66 6.32 -7.57
CA GLY A 523 -28.67 7.18 -8.19
C GLY A 523 -28.12 8.58 -8.28
N SER A 524 -28.86 9.46 -8.93
CA SER A 524 -28.41 10.83 -9.13
C SER A 524 -28.83 11.84 -8.06
N SER A 525 -29.88 11.54 -7.29
CA SER A 525 -30.35 12.45 -6.24
C SER A 525 -29.73 12.09 -4.91
N LYS A 526 -29.43 13.09 -4.08
CA LYS A 526 -28.81 12.80 -2.77
C LYS A 526 -29.70 11.90 -1.98
N GLY A 527 -29.10 10.91 -1.33
CA GLY A 527 -29.83 9.99 -0.47
C GLY A 527 -29.37 10.27 0.96
N THR A 528 -29.09 9.20 1.69
CA THR A 528 -28.66 9.30 3.09
C THR A 528 -27.40 8.45 3.27
N VAL A 529 -26.50 8.88 4.16
CA VAL A 529 -25.28 8.13 4.47
C VAL A 529 -25.31 7.82 5.96
N TYR A 530 -24.98 6.57 6.31
CA TYR A 530 -24.97 6.16 7.70
C TYR A 530 -23.61 5.81 8.18
N PHE A 531 -23.32 6.25 9.40
CA PHE A 531 -22.08 5.95 10.11
C PHE A 531 -22.64 5.24 11.34
N GLY A 532 -22.68 3.91 11.31
CA GLY A 532 -23.29 3.16 12.41
C GLY A 532 -24.77 3.47 12.21
N THR A 533 -25.47 3.85 13.29
CA THR A 533 -26.91 4.19 13.24
C THR A 533 -27.20 5.68 12.95
N THR A 534 -26.14 6.48 12.91
CA THR A 534 -26.26 7.91 12.71
C THR A 534 -26.47 8.20 11.25
N ALA A 535 -27.50 8.99 10.97
CA ALA A 535 -27.82 9.34 9.59
C ALA A 535 -27.31 10.73 9.20
N VAL A 536 -26.76 10.82 8.00
CA VAL A 536 -26.23 12.08 7.48
C VAL A 536 -26.89 12.28 6.12
N SER A 537 -27.42 13.48 5.89
CA SER A 537 -28.06 13.83 4.62
C SER A 537 -28.05 15.33 4.47
N GLY A 538 -28.41 15.82 3.29
CA GLY A 538 -28.42 17.24 3.05
C GLY A 538 -27.04 17.84 2.79
N ALA A 539 -26.82 19.03 3.35
CA ALA A 539 -25.61 19.80 3.16
C ALA A 539 -24.27 19.09 3.36
N ASP A 540 -24.19 18.24 4.38
CA ASP A 540 -22.94 17.50 4.63
C ASP A 540 -22.62 16.48 3.56
N ILE A 541 -23.60 16.19 2.70
CA ILE A 541 -23.31 15.28 1.58
C ILE A 541 -22.91 16.30 0.54
N THR A 542 -21.61 16.47 0.33
CA THR A 542 -21.10 17.47 -0.59
C THR A 542 -21.52 17.25 -2.04
N SER A 543 -21.48 15.99 -2.46
CA SER A 543 -21.87 15.62 -3.81
C SER A 543 -22.35 14.18 -3.84
N TRP A 544 -23.24 13.92 -4.80
CA TRP A 544 -23.82 12.61 -4.97
C TRP A 544 -24.12 12.32 -6.44
N GLU A 545 -23.62 11.18 -6.92
CA GLU A 545 -23.87 10.70 -8.27
C GLU A 545 -23.89 9.18 -8.26
N ASP A 546 -24.33 8.53 -9.34
CA ASP A 546 -24.47 7.08 -9.31
C ASP A 546 -23.31 6.24 -8.81
N THR A 547 -22.07 6.64 -9.11
CA THR A 547 -20.91 5.83 -8.70
C THR A 547 -20.04 6.43 -7.60
N GLN A 548 -20.32 7.68 -7.24
CA GLN A 548 -19.50 8.33 -6.23
C GLN A 548 -20.18 9.33 -5.32
N ILE A 549 -19.98 9.17 -4.01
CA ILE A 549 -20.56 10.09 -3.04
C ILE A 549 -19.44 10.74 -2.27
N LYS A 550 -19.57 12.04 -2.01
CA LYS A 550 -18.59 12.74 -1.22
C LYS A 550 -19.35 13.26 -0.01
N VAL A 551 -18.94 12.86 1.19
CA VAL A 551 -19.66 13.25 2.40
C VAL A 551 -18.72 13.54 3.60
N LYS A 552 -19.11 14.53 4.41
CA LYS A 552 -18.36 14.90 5.62
C LYS A 552 -18.68 13.97 6.76
N ILE A 553 -17.65 13.55 7.48
CA ILE A 553 -17.84 12.67 8.62
C ILE A 553 -18.56 13.47 9.71
N PRO A 554 -19.62 12.91 10.28
CA PRO A 554 -20.36 13.59 11.32
C PRO A 554 -19.57 13.66 12.63
N ALA A 555 -19.98 14.56 13.50
CA ALA A 555 -19.32 14.72 14.80
C ALA A 555 -19.73 13.68 15.83
N VAL A 556 -19.66 12.39 15.46
CA VAL A 556 -19.99 11.32 16.41
C VAL A 556 -18.77 11.02 17.30
N ALA A 557 -18.99 10.32 18.41
CA ALA A 557 -17.90 9.94 19.29
C ALA A 557 -16.83 9.11 18.53
N GLY A 558 -15.56 9.26 18.88
CA GLY A 558 -14.50 8.49 18.23
C GLY A 558 -14.82 7.00 18.35
N GLY A 559 -14.57 6.23 17.30
CA GLY A 559 -14.87 4.80 17.35
C GLY A 559 -14.93 4.19 15.96
N ASN A 560 -15.34 2.93 15.89
CA ASN A 560 -15.39 2.20 14.62
C ASN A 560 -16.83 2.13 14.16
N TYR A 561 -17.07 2.50 12.91
CA TYR A 561 -18.41 2.50 12.35
C TYR A 561 -18.53 1.82 10.99
N ASN A 562 -19.70 1.23 10.75
CA ASN A 562 -20.06 0.62 9.48
C ASN A 562 -20.74 1.70 8.66
N ILE A 563 -20.36 1.78 7.40
CA ILE A 563 -20.91 2.74 6.48
C ILE A 563 -21.94 2.04 5.60
N LYS A 564 -23.06 2.72 5.42
CA LYS A 564 -24.15 2.25 4.57
C LYS A 564 -24.74 3.50 3.95
N VAL A 565 -25.30 3.40 2.75
CA VAL A 565 -25.96 4.54 2.15
C VAL A 565 -27.38 4.05 1.78
N ALA A 566 -28.27 4.99 1.47
CA ALA A 566 -29.61 4.64 0.99
C ALA A 566 -29.85 5.60 -0.14
N ASN A 567 -30.55 5.16 -1.18
CA ASN A 567 -30.83 6.08 -2.27
C ASN A 567 -31.96 7.04 -1.87
N ALA A 568 -32.31 7.97 -2.75
CA ALA A 568 -33.34 8.96 -2.51
C ALA A 568 -34.66 8.30 -2.18
N ALA A 569 -34.94 7.14 -2.76
CA ALA A 569 -36.16 6.39 -2.49
C ALA A 569 -36.06 5.63 -1.17
N GLY A 570 -34.89 5.68 -0.53
CA GLY A 570 -34.75 4.99 0.74
C GLY A 570 -34.27 3.54 0.70
N THR A 571 -33.87 3.05 -0.47
CA THR A 571 -33.37 1.68 -0.54
C THR A 571 -31.93 1.61 -0.03
N ALA A 572 -31.69 0.73 0.94
CA ALA A 572 -30.37 0.59 1.55
C ALA A 572 -29.35 -0.21 0.73
N SER A 573 -28.07 0.08 0.93
CA SER A 573 -26.97 -0.62 0.25
C SER A 573 -26.41 -1.70 1.17
N ASN A 574 -25.33 -2.33 0.73
CA ASN A 574 -24.64 -3.29 1.58
C ASN A 574 -23.86 -2.42 2.58
N VAL A 575 -23.33 -3.04 3.62
CA VAL A 575 -22.56 -2.35 4.64
C VAL A 575 -21.06 -2.52 4.42
N TYR A 576 -20.32 -1.42 4.48
CA TYR A 576 -18.87 -1.43 4.32
C TYR A 576 -18.35 -1.13 5.72
N ASP A 577 -17.79 -2.13 6.40
CA ASP A 577 -17.35 -1.93 7.78
C ASP A 577 -15.96 -1.39 8.10
N ASN A 578 -15.69 -1.23 9.38
CA ASN A 578 -14.36 -0.81 9.85
C ASN A 578 -13.94 0.64 9.61
N PHE A 579 -14.89 1.56 9.49
CA PHE A 579 -14.49 2.94 9.30
C PHE A 579 -14.10 3.46 10.69
N GLU A 580 -12.96 4.11 10.83
CA GLU A 580 -12.61 4.62 12.15
C GLU A 580 -12.72 6.14 12.24
N VAL A 581 -13.60 6.62 13.13
CA VAL A 581 -13.76 8.06 13.34
C VAL A 581 -12.76 8.37 14.46
N LEU A 582 -11.85 9.31 14.20
CA LEU A 582 -10.88 9.69 15.21
C LEU A 582 -11.56 10.63 16.21
N SER A 583 -10.93 10.80 17.36
CA SER A 583 -11.46 11.65 18.43
C SER A 583 -11.01 13.09 18.21
N GLY A 584 -10.16 13.31 17.22
CA GLY A 584 -9.68 14.67 16.94
C GLY A 584 -8.33 14.50 16.28
N ASP A 585 -7.57 15.59 16.20
CA ASP A 585 -6.21 15.52 15.63
C ASP A 585 -5.40 14.62 16.52
N GLN A 586 -4.40 13.98 15.95
CA GLN A 586 -3.58 13.03 16.68
C GLN A 586 -2.14 13.40 16.93
N VAL A 587 -1.63 12.99 18.08
CA VAL A 587 -0.20 13.14 18.37
C VAL A 587 0.33 11.75 18.79
N SER A 588 1.62 11.52 18.60
CA SER A 588 2.26 10.24 18.95
C SER A 588 2.84 10.35 20.35
N VAL A 589 2.29 9.57 21.29
CA VAL A 589 2.75 9.59 22.67
C VAL A 589 3.31 8.23 23.10
N ARG A 590 4.45 8.24 23.79
CA ARG A 590 5.06 7.01 24.25
C ARG A 590 4.64 6.78 25.71
N PHE A 591 4.05 5.62 25.96
CA PHE A 591 3.59 5.22 27.28
C PHE A 591 4.64 4.24 27.82
N VAL A 592 4.99 4.40 29.10
CA VAL A 592 5.96 3.53 29.76
C VAL A 592 5.39 3.12 31.11
N VAL A 593 5.38 1.81 31.38
CA VAL A 593 4.90 1.30 32.65
C VAL A 593 6.02 0.47 33.27
N ASN A 594 6.38 0.81 34.50
CA ASN A 594 7.44 0.09 35.22
C ASN A 594 6.97 -1.01 36.16
N ASN A 595 7.79 -2.05 36.25
CA ASN A 595 7.53 -3.21 37.14
C ASN A 595 6.24 -3.91 36.81
N ALA A 596 6.11 -4.35 35.56
CA ALA A 596 4.94 -5.08 35.12
C ALA A 596 5.48 -6.46 34.73
N THR A 597 5.65 -7.28 35.77
CA THR A 597 6.15 -8.64 35.59
C THR A 597 5.03 -9.54 35.07
N THR A 598 5.37 -10.47 34.18
CA THR A 598 4.39 -11.33 33.54
C THR A 598 4.89 -12.78 33.48
N ALA A 599 3.98 -13.71 33.22
CA ALA A 599 4.36 -15.10 33.06
C ALA A 599 4.54 -15.26 31.56
N LEU A 600 5.35 -16.24 31.15
CA LEU A 600 5.60 -16.50 29.74
C LEU A 600 4.31 -16.68 28.93
N GLY A 601 4.14 -15.90 27.87
CA GLY A 601 2.91 -16.01 27.06
C GLY A 601 1.90 -14.92 27.44
N GLN A 602 2.25 -14.17 28.47
CA GLN A 602 1.41 -13.09 28.94
C GLN A 602 2.17 -11.82 28.55
N ASN A 603 1.43 -10.80 28.10
CA ASN A 603 2.03 -9.53 27.69
C ASN A 603 1.25 -8.38 28.28
N VAL A 604 1.87 -7.21 28.26
CA VAL A 604 1.26 -5.99 28.78
C VAL A 604 0.62 -5.19 27.62
N TYR A 605 -0.55 -4.60 27.89
CA TYR A 605 -1.29 -3.80 26.92
C TYR A 605 -1.76 -2.56 27.65
N LEU A 606 -2.16 -1.56 26.87
CA LEU A 606 -2.66 -0.30 27.38
C LEU A 606 -4.14 -0.15 26.97
N THR A 607 -4.95 0.41 27.87
CA THR A 607 -6.36 0.63 27.60
C THR A 607 -6.68 1.99 28.21
N GLY A 608 -7.77 2.62 27.80
CA GLY A 608 -8.01 3.94 28.35
C GLY A 608 -9.32 4.52 27.91
N SER A 609 -9.52 5.77 28.29
CA SER A 609 -10.78 6.45 28.10
C SER A 609 -11.14 7.04 26.75
N VAL A 610 -10.38 6.74 25.70
CA VAL A 610 -10.72 7.27 24.39
C VAL A 610 -10.74 6.10 23.40
N SER A 611 -11.49 6.27 22.32
CA SER A 611 -11.57 5.23 21.30
C SER A 611 -10.19 4.83 20.83
N GLU A 612 -9.27 5.79 20.76
CA GLU A 612 -7.87 5.52 20.36
C GLU A 612 -7.19 4.53 21.32
N LEU A 613 -7.75 4.35 22.52
CA LEU A 613 -7.18 3.40 23.48
C LEU A 613 -8.15 2.23 23.72
N GLY A 614 -9.17 2.13 22.89
CA GLY A 614 -10.16 1.02 22.93
C GLY A 614 -11.34 1.22 23.86
N ASN A 615 -11.45 2.42 24.43
CA ASN A 615 -12.52 2.73 25.37
C ASN A 615 -12.75 1.67 26.48
N TRP A 616 -11.68 1.31 27.19
CA TRP A 616 -11.72 0.33 28.29
C TRP A 616 -12.09 -1.10 27.91
N ASP A 617 -12.14 -1.40 26.61
CA ASP A 617 -12.48 -2.74 26.16
C ASP A 617 -11.18 -3.50 25.92
N PRO A 618 -10.90 -4.49 26.79
CA PRO A 618 -9.69 -5.30 26.66
C PRO A 618 -9.53 -5.90 25.27
N ALA A 619 -10.66 -6.20 24.62
CA ALA A 619 -10.66 -6.73 23.26
C ALA A 619 -10.02 -5.72 22.28
N LYS A 620 -10.03 -4.46 22.67
CA LYS A 620 -9.45 -3.41 21.85
C LYS A 620 -8.20 -2.72 22.45
N ALA A 621 -7.58 -3.34 23.46
CA ALA A 621 -6.41 -2.72 24.10
C ALA A 621 -5.26 -2.54 23.11
N ILE A 622 -4.33 -1.66 23.43
CA ILE A 622 -3.17 -1.40 22.59
C ILE A 622 -2.00 -2.29 23.00
N GLY A 623 -1.43 -3.02 22.06
CA GLY A 623 -0.30 -3.89 22.36
C GLY A 623 -0.21 -5.06 21.38
N PRO A 624 0.59 -6.07 21.71
CA PRO A 624 1.32 -6.08 22.97
C PRO A 624 2.44 -5.07 22.99
N MET A 625 2.72 -4.59 24.20
CA MET A 625 3.78 -3.60 24.40
C MET A 625 5.18 -4.17 24.29
N TYR A 626 6.17 -3.28 24.14
CA TYR A 626 7.56 -3.67 23.97
C TYR A 626 8.33 -3.71 25.29
N ASN A 627 9.40 -4.49 25.33
CA ASN A 627 10.17 -4.61 26.56
C ASN A 627 11.62 -5.04 26.37
N GLN A 628 12.20 -4.75 25.23
CA GLN A 628 13.57 -5.19 24.97
C GLN A 628 14.53 -4.03 24.75
N VAL A 629 14.21 -3.21 23.74
CA VAL A 629 15.07 -2.13 23.28
C VAL A 629 15.18 -0.85 24.07
N VAL A 630 14.20 0.05 23.89
CA VAL A 630 14.26 1.33 24.59
C VAL A 630 14.15 1.16 26.10
N TYR A 631 13.34 0.20 26.54
CA TYR A 631 13.22 -0.15 27.97
C TYR A 631 13.32 -1.64 28.04
N GLN A 632 13.68 -2.16 29.20
CA GLN A 632 13.85 -3.59 29.38
C GLN A 632 12.86 -4.14 30.37
N TYR A 633 12.34 -5.33 30.11
CA TYR A 633 11.42 -6.00 31.01
C TYR A 633 12.06 -6.02 32.42
N PRO A 634 11.31 -5.85 33.51
CA PRO A 634 9.86 -5.77 33.52
C PRO A 634 9.26 -4.37 33.27
N ASN A 635 9.95 -3.55 32.52
CA ASN A 635 9.41 -2.23 32.14
C ASN A 635 8.97 -2.42 30.68
N TRP A 636 7.80 -1.89 30.32
CA TRP A 636 7.29 -2.03 28.95
C TRP A 636 6.99 -0.66 28.38
N TYR A 637 7.01 -0.53 27.05
CA TYR A 637 6.77 0.75 26.40
C TYR A 637 6.07 0.56 25.06
N TYR A 638 5.40 1.60 24.57
CA TYR A 638 4.70 1.54 23.29
C TYR A 638 4.31 2.94 22.81
N ASP A 639 4.52 3.21 21.52
CA ASP A 639 4.17 4.50 20.91
C ASP A 639 2.76 4.39 20.33
N VAL A 640 1.87 5.27 20.77
CA VAL A 640 0.45 5.24 20.49
C VAL A 640 -0.08 6.56 19.96
N SER A 641 -0.93 6.49 18.94
CA SER A 641 -1.58 7.66 18.37
C SER A 641 -2.81 8.02 19.24
N VAL A 642 -2.78 9.21 19.84
CA VAL A 642 -3.87 9.67 20.71
C VAL A 642 -4.33 11.08 20.32
N PRO A 643 -5.55 11.45 20.70
CA PRO A 643 -6.08 12.76 20.35
C PRO A 643 -5.36 13.91 21.06
N ALA A 644 -4.85 14.83 20.26
CA ALA A 644 -4.11 15.99 20.72
C ALA A 644 -4.89 16.79 21.76
N GLY A 645 -4.17 17.26 22.77
CA GLY A 645 -4.72 18.08 23.84
C GLY A 645 -5.80 17.48 24.73
N LYS A 646 -6.08 16.20 24.58
CA LYS A 646 -7.11 15.62 25.43
C LYS A 646 -6.61 15.09 26.75
N THR A 647 -7.44 15.23 27.78
CA THR A 647 -7.09 14.70 29.09
C THR A 647 -7.62 13.26 29.03
N ILE A 648 -6.71 12.30 29.18
CA ILE A 648 -7.04 10.90 29.06
C ILE A 648 -6.68 10.07 30.29
N GLU A 649 -7.59 9.19 30.69
CA GLU A 649 -7.37 8.27 31.80
C GLU A 649 -7.05 6.88 31.24
N PHE A 650 -6.05 6.22 31.82
CA PHE A 650 -5.59 4.95 31.30
C PHE A 650 -5.14 3.96 32.36
N LYS A 651 -5.04 2.69 31.95
CA LYS A 651 -4.58 1.64 32.83
C LYS A 651 -3.85 0.66 31.93
N PHE A 652 -3.07 -0.23 32.54
CA PHE A 652 -2.35 -1.25 31.82
C PHE A 652 -2.98 -2.58 32.15
N LEU A 653 -2.83 -3.53 31.23
CA LEU A 653 -3.42 -4.85 31.37
C LEU A 653 -2.34 -5.91 31.10
N LYS A 654 -2.55 -7.08 31.67
CA LYS A 654 -1.71 -8.27 31.45
C LYS A 654 -2.70 -9.24 30.81
N LYS A 655 -2.43 -9.60 29.55
CA LYS A 655 -3.36 -10.47 28.84
C LYS A 655 -2.69 -11.73 28.35
N GLN A 656 -3.45 -12.81 28.34
CA GLN A 656 -2.99 -14.07 27.79
C GLN A 656 -4.24 -14.57 27.07
N GLY A 657 -4.16 -14.69 25.74
CA GLY A 657 -5.31 -15.07 24.96
C GLY A 657 -6.26 -13.91 25.28
N SER A 658 -7.52 -14.22 25.56
CA SER A 658 -8.50 -13.19 25.91
C SER A 658 -8.64 -13.03 27.39
N THR A 659 -7.81 -13.72 28.16
CA THR A 659 -7.87 -13.59 29.62
C THR A 659 -7.13 -12.34 30.03
N VAL A 660 -7.77 -11.51 30.85
CA VAL A 660 -7.21 -10.22 31.27
C VAL A 660 -7.08 -9.90 32.75
N THR A 661 -5.92 -9.35 33.10
CA THR A 661 -5.65 -8.94 34.46
C THR A 661 -5.49 -7.44 34.41
N TRP A 662 -6.27 -6.73 35.22
CA TRP A 662 -6.24 -5.27 35.30
C TRP A 662 -5.30 -4.75 36.37
N GLU A 663 -4.68 -3.61 36.08
CA GLU A 663 -3.85 -2.93 37.06
C GLU A 663 -4.85 -2.59 38.14
N GLY A 664 -4.39 -2.59 39.38
CA GLY A 664 -5.24 -2.22 40.50
C GLY A 664 -5.15 -0.70 40.69
N GLY A 665 -5.83 -0.22 41.72
CA GLY A 665 -5.83 1.20 42.09
C GLY A 665 -6.66 2.09 41.18
N SER A 666 -6.29 3.36 41.16
CA SER A 666 -6.97 4.37 40.35
C SER A 666 -6.37 4.45 38.96
N ASN A 667 -7.14 5.01 38.03
CA ASN A 667 -6.67 5.14 36.68
C ASN A 667 -5.58 6.16 36.70
N HIS A 668 -4.69 6.08 35.73
CA HIS A 668 -3.66 7.07 35.60
C HIS A 668 -4.33 8.11 34.71
N THR A 669 -3.75 9.31 34.67
CA THR A 669 -4.26 10.37 33.81
C THR A 669 -3.07 11.13 33.25
N PHE A 670 -3.34 11.84 32.17
CA PHE A 670 -2.35 12.68 31.53
C PHE A 670 -3.15 13.44 30.51
N THR A 671 -2.56 14.52 30.03
CA THR A 671 -3.18 15.35 29.02
C THR A 671 -2.21 15.29 27.86
N ALA A 672 -2.70 14.86 26.70
CA ALA A 672 -1.85 14.72 25.50
C ALA A 672 -1.35 16.07 25.05
N PRO A 673 -0.20 16.13 24.39
CA PRO A 673 0.28 17.42 23.89
C PRO A 673 -0.63 17.88 22.75
N SER A 674 -0.61 19.18 22.47
CA SER A 674 -1.42 19.75 21.39
C SER A 674 -0.72 19.53 20.06
N SER A 675 0.58 19.31 20.12
CA SER A 675 1.34 19.03 18.93
C SER A 675 2.69 18.47 19.39
N GLY A 676 3.42 17.81 18.49
CA GLY A 676 4.70 17.22 18.84
C GLY A 676 4.43 15.94 19.61
N THR A 677 5.45 15.42 20.27
CA THR A 677 5.30 14.18 20.97
C THR A 677 5.42 14.32 22.48
N ALA A 678 5.24 13.22 23.19
CA ALA A 678 5.36 13.22 24.66
C ALA A 678 5.65 11.81 25.09
N THR A 679 6.04 11.69 26.36
CA THR A 679 6.33 10.41 27.01
C THR A 679 5.75 10.43 28.42
N ILE A 680 4.93 9.44 28.75
CA ILE A 680 4.30 9.34 30.08
C ILE A 680 4.89 8.08 30.67
N ASN A 681 5.36 8.19 31.91
CA ASN A 681 6.02 7.08 32.58
C ASN A 681 5.37 6.86 33.92
N VAL A 682 4.77 5.69 34.11
CA VAL A 682 4.08 5.38 35.34
C VAL A 682 4.48 3.99 35.83
N ASN A 683 4.10 3.67 37.04
CA ASN A 683 4.40 2.36 37.60
C ASN A 683 3.17 1.51 37.53
N TRP A 684 3.38 0.21 37.31
CA TRP A 684 2.29 -0.73 37.30
C TRP A 684 1.72 -0.73 38.71
N GLN A 685 0.40 -0.50 38.85
CA GLN A 685 -0.26 -0.51 40.15
C GLN A 685 -0.87 -1.87 40.44
N PRO A 686 -0.42 -2.52 41.50
CA PRO A 686 -1.02 -3.80 41.87
C PRO A 686 -2.38 -3.52 42.53
C1 GLC B . -14.11 -31.24 -11.15
C2 GLC B . -13.36 -30.05 -10.60
C3 GLC B . -14.20 -29.33 -9.57
C4 GLC B . -15.55 -29.00 -10.18
C5 GLC B . -16.23 -30.27 -10.70
C6 GLC B . -17.54 -29.86 -11.31
O1 GLC B . -14.36 -32.21 -10.20
O2 GLC B . -12.09 -30.44 -10.06
O3 GLC B . -13.54 -28.15 -9.10
O4 GLC B . -16.48 -28.44 -9.24
O5 GLC B . -15.33 -30.77 -11.69
O6 GLC B . -18.08 -30.94 -12.09
C1 GLC B . -16.83 -27.06 -9.35
C2 GLC B . -16.57 -26.37 -8.03
C3 GLC B . -17.51 -26.90 -6.97
C4 GLC B . -18.96 -26.76 -7.45
C5 GLC B . -19.09 -27.47 -8.79
C6 GLC B . -20.49 -27.38 -9.35
O2 GLC B . -15.23 -26.53 -7.61
O3 GLC B . -17.47 -26.19 -5.73
O4 GLC B . -19.80 -27.39 -6.50
O5 GLC B . -18.18 -26.89 -9.74
O6 GLC B . -20.71 -28.14 -10.54
C1 GLC C . -11.32 -3.76 37.33
C2 GLC C . -10.25 -2.72 37.21
C3 GLC C . -10.82 -1.39 36.77
C4 GLC C . -11.59 -1.64 35.49
C5 GLC C . -12.69 -2.68 35.67
C6 GLC C . -13.32 -3.07 34.36
O1 GLC C . -12.13 -3.54 38.43
O2 GLC C . -9.50 -2.55 38.42
O3 GLC C . -9.74 -0.47 36.62
O4 GLC C . -12.24 -0.40 35.14
O5 GLC C . -12.06 -3.88 36.12
O6 GLC C . -14.39 -3.97 34.64
C1 GLC C . -11.89 0.15 33.89
C2 GLC C . -11.67 1.61 34.20
C3 GLC C . -13.00 2.25 34.56
C4 GLC C . -14.00 1.98 33.45
C5 GLC C . -14.22 0.48 33.32
C6 GLC C . -15.21 0.13 32.26
O2 GLC C . -10.79 1.80 35.30
O3 GLC C . -12.84 3.66 34.63
O4 GLC C . -15.21 2.68 33.68
O5 GLC C . -12.95 -0.08 32.98
O6 GLC C . -15.37 -1.28 32.05
C1 GLC D . 10.82 -13.06 31.35
C2 GLC D . 9.41 -13.04 31.88
C3 GLC D . 8.45 -13.01 30.72
C4 GLC D . 8.77 -11.92 29.71
C5 GLC D . 10.19 -12.19 29.22
C6 GLC D . 10.69 -11.18 28.21
O1 GLC D . 11.09 -14.34 30.92
O2 GLC D . 9.15 -14.27 32.54
O3 GLC D . 7.09 -13.02 31.14
O4 GLC D . 7.95 -12.37 28.62
O5 GLC D . 11.05 -12.07 30.35
O6 GLC D . 12.05 -11.52 27.94
C1 GLC D . 7.05 -11.50 28.01
C2 GLC D . 6.07 -12.45 27.34
C3 GLC D . 6.63 -13.04 26.08
C4 GLC D . 7.22 -11.94 25.20
C5 GLC D . 8.33 -11.22 25.95
C6 GLC D . 8.89 -10.08 25.15
O2 GLC D . 5.77 -13.48 28.27
O3 GLC D . 5.62 -13.75 25.36
O4 GLC D . 7.80 -12.45 24.00
O5 GLC D . 7.76 -10.64 27.13
O6 GLC D . 10.30 -10.18 24.90
CA CA E . 18.71 13.26 -16.65
CA CA F . 13.18 2.56 12.50
#